data_5FY1
#
_entry.id   5FY1
#
_cell.length_a   91.710
_cell.length_b   110.080
_cell.length_c   118.130
_cell.angle_alpha   90.00
_cell.angle_beta   90.00
_cell.angle_gamma   90.00
#
_symmetry.space_group_name_H-M   'P 21 21 21'
#
loop_
_entity.id
_entity.type
_entity.pdbx_description
1 polymer 'HISTONE DEMETHYLASE UTY'
2 non-polymer 'ZINC ION'
3 non-polymer 'MANGANESE (II) ION'
4 non-polymer 2-hydroxybenzonitrile
5 non-polymer 'DIMETHYL SULFOXIDE'
6 non-polymer 1,2-ETHANEDIOL
7 water water
#
_entity_poly.entity_id   1
_entity_poly.type   'polypeptide(L)'
_entity_poly.pdbx_seq_one_letter_code
;MLPKDKLNPPTPSIYLENKRDAFFPPLHQFCTNPKNPVTVIRGLAGALKLDLGLFSTKTLVEANNEHMVEVRTQLLQPAD
ENWDPTGTKKIWRCESNRSHTTIAKYAQYQASSFQESLREENEKRTQHKDHSDNESTSSENSGRRRKGPFKTIKFGTNID
LSDNKKWKLQLHELTKLPAFARVVSAGNLLTHVGHTILGMNTVQLYMKVPGSRTPGHQENNNFCSVNINIGPGDCEWFVV
PEDYWGVLNDFCEKNNLNFLMSSWWPNLEDLYEANVPVYRFIQRPGDLVWINAGTVHWVQAVGWCNNIAWNVGPLTACQY
KLAVERYEWNKLKSVKSPVPMVHLSWNMARNIKVSDPKLFEMIKYCLLKILKQYQTLREALVAAGKEVIWHGRTNDEPAH
YCSICEVEVFNLLFVTNESNTQKTYIVHCHDCARKTSKSLENFVVLEQYKMEDLIQVYDQFTLALSLSSSSAENLYFQ
;
_entity_poly.pdbx_strand_id   A,B
#
# COMPACT_ATOMS: atom_id res chain seq x y z
N LYS A 4 -26.12 15.74 -26.46
CA LYS A 4 -26.07 14.42 -25.84
C LYS A 4 -25.62 14.50 -24.37
N ASP A 5 -26.35 13.80 -23.49
CA ASP A 5 -26.02 13.75 -22.08
C ASP A 5 -24.71 12.99 -21.84
N LYS A 6 -24.22 12.32 -22.88
CA LYS A 6 -22.91 11.67 -22.84
C LYS A 6 -21.80 12.72 -22.86
N LEU A 7 -22.17 13.97 -23.15
CA LEU A 7 -21.20 15.06 -23.22
C LEU A 7 -21.18 15.86 -21.92
N ASN A 8 -22.04 15.47 -20.98
CA ASN A 8 -22.03 15.99 -19.60
C ASN A 8 -22.18 14.85 -18.59
N PRO A 9 -21.19 13.95 -18.54
CA PRO A 9 -21.23 12.71 -17.76
C PRO A 9 -21.19 12.96 -16.25
N PRO A 10 -21.65 11.99 -15.44
CA PRO A 10 -21.52 12.15 -13.98
C PRO A 10 -20.06 12.02 -13.54
N THR A 11 -19.69 12.66 -12.42
CA THR A 11 -18.31 12.57 -11.95
C THR A 11 -18.12 11.38 -11.02
N PRO A 12 -17.06 10.59 -11.25
CA PRO A 12 -16.73 9.50 -10.33
C PRO A 12 -16.59 10.04 -8.91
N SER A 13 -17.39 9.52 -8.00
N SER A 13 -17.40 9.55 -7.98
CA SER A 13 -17.45 10.08 -6.65
CA SER A 13 -17.46 10.13 -6.63
C SER A 13 -17.44 8.97 -5.58
C SER A 13 -17.62 9.11 -5.50
N ILE A 14 -16.84 9.29 -4.44
CA ILE A 14 -16.85 8.40 -3.29
C ILE A 14 -17.31 9.20 -2.08
N TYR A 15 -18.23 8.67 -1.29
CA TYR A 15 -18.73 9.34 -0.10
C TYR A 15 -18.19 8.68 1.18
N LEU A 16 -17.25 9.34 1.86
CA LEU A 16 -16.66 8.76 3.08
C LEU A 16 -17.41 9.14 4.34
N GLU A 17 -17.50 8.21 5.28
CA GLU A 17 -18.10 8.46 6.59
C GLU A 17 -17.07 8.47 7.73
N ASN A 18 -16.11 7.55 7.69
CA ASN A 18 -15.20 7.36 8.80
C ASN A 18 -13.80 6.93 8.35
N LYS A 19 -12.89 6.70 9.31
CA LYS A 19 -11.51 6.38 8.98
C LYS A 19 -11.42 5.05 8.23
N ARG A 20 -12.29 4.10 8.55
CA ARG A 20 -12.33 2.83 7.79
C ARG A 20 -12.53 3.08 6.29
N ASP A 21 -13.52 3.91 5.93
CA ASP A 21 -13.75 4.22 4.52
C ASP A 21 -12.51 4.84 3.86
N ALA A 22 -11.81 5.71 4.60
CA ALA A 22 -10.64 6.39 4.03
C ALA A 22 -9.44 5.47 3.83
N PHE A 23 -9.27 4.48 4.70
CA PHE A 23 -8.12 3.59 4.62
C PHE A 23 -8.43 2.30 3.85
N PHE A 24 -9.63 2.26 3.27
CA PHE A 24 -10.09 1.10 2.52
C PHE A 24 -9.32 0.99 1.17
N PRO A 25 -8.60 -0.13 0.96
CA PRO A 25 -7.72 -0.24 -0.23
C PRO A 25 -8.41 -0.12 -1.61
N PRO A 26 -9.68 -0.54 -1.75
CA PRO A 26 -10.26 -0.23 -3.06
C PRO A 26 -10.43 1.28 -3.39
N LEU A 27 -10.31 2.16 -2.40
CA LEU A 27 -10.37 3.60 -2.68
C LEU A 27 -9.13 4.05 -3.50
N HIS A 28 -7.97 3.55 -3.11
CA HIS A 28 -6.71 3.75 -3.85
C HIS A 28 -6.85 3.27 -5.31
N GLN A 29 -7.37 2.07 -5.50
CA GLN A 29 -7.50 1.47 -6.83
C GLN A 29 -8.49 2.22 -7.71
N PHE A 30 -9.57 2.72 -7.11
CA PHE A 30 -10.54 3.53 -7.84
C PHE A 30 -9.90 4.80 -8.38
N CYS A 31 -9.14 5.52 -7.53
CA CYS A 31 -8.49 6.76 -7.94
C CYS A 31 -7.48 6.58 -9.07
N THR A 32 -6.76 5.46 -9.08
CA THR A 32 -5.69 5.30 -10.06
C THR A 32 -6.15 4.61 -11.35
N ASN A 33 -7.41 4.16 -11.38
CA ASN A 33 -8.00 3.53 -12.58
C ASN A 33 -7.99 4.51 -13.75
N PRO A 34 -7.32 4.14 -14.86
CA PRO A 34 -7.24 5.08 -16.00
C PRO A 34 -8.61 5.44 -16.58
N LYS A 35 -9.64 4.66 -16.27
CA LYS A 35 -10.99 4.96 -16.76
C LYS A 35 -11.64 6.14 -16.01
N ASN A 36 -11.10 6.51 -14.86
CA ASN A 36 -11.61 7.62 -14.06
C ASN A 36 -10.69 8.85 -14.21
N PRO A 37 -11.08 9.81 -15.05
CA PRO A 37 -10.20 10.96 -15.32
C PRO A 37 -10.04 11.85 -14.09
N VAL A 38 -11.03 11.78 -13.20
CA VAL A 38 -11.03 12.52 -11.92
C VAL A 38 -11.83 11.72 -10.88
N THR A 39 -11.43 11.79 -9.61
CA THR A 39 -12.26 11.24 -8.53
C THR A 39 -12.49 12.33 -7.48
N VAL A 40 -13.73 12.55 -7.06
CA VAL A 40 -14.02 13.47 -5.96
C VAL A 40 -14.28 12.68 -4.67
N ILE A 41 -13.39 12.81 -3.69
CA ILE A 41 -13.58 12.08 -2.46
C ILE A 41 -14.31 12.98 -1.48
N ARG A 42 -15.61 12.78 -1.36
CA ARG A 42 -16.43 13.67 -0.54
C ARG A 42 -16.37 13.29 0.94
N GLY A 43 -16.21 14.30 1.80
CA GLY A 43 -16.23 14.11 3.25
C GLY A 43 -14.90 13.68 3.87
N LEU A 44 -13.82 13.87 3.13
CA LEU A 44 -12.52 13.32 3.48
C LEU A 44 -12.00 13.90 4.80
N ALA A 45 -12.09 15.21 4.95
CA ALA A 45 -11.55 15.85 6.16
C ALA A 45 -12.32 15.46 7.43
N GLY A 46 -13.66 15.44 7.33
CA GLY A 46 -14.52 15.06 8.44
C GLY A 46 -14.29 13.60 8.81
N ALA A 47 -14.07 12.76 7.82
CA ALA A 47 -13.84 11.33 8.07
C ALA A 47 -12.57 11.08 8.86
N LEU A 48 -11.54 11.91 8.63
CA LEU A 48 -10.26 11.80 9.33
C LEU A 48 -10.16 12.70 10.56
N LYS A 49 -11.17 13.54 10.75
CA LYS A 49 -11.08 14.65 11.71
C LYS A 49 -9.83 15.50 11.46
N LEU A 50 -9.60 15.83 10.20
CA LEU A 50 -8.53 16.79 9.83
C LEU A 50 -8.86 18.18 10.37
N ASP A 51 -7.89 18.86 10.97
CA ASP A 51 -8.16 20.21 11.46
C ASP A 51 -7.87 21.24 10.36
N LEU A 52 -8.90 21.54 9.57
CA LEU A 52 -8.75 22.49 8.48
C LEU A 52 -8.45 23.91 8.98
N GLY A 53 -8.73 24.14 10.26
CA GLY A 53 -8.44 25.43 10.88
C GLY A 53 -6.97 25.80 10.87
N LEU A 54 -6.10 24.78 10.79
CA LEU A 54 -4.66 24.99 10.68
C LEU A 54 -4.28 25.76 9.40
N PHE A 55 -5.20 25.77 8.44
CA PHE A 55 -5.02 26.44 7.15
C PHE A 55 -5.98 27.63 6.93
N SER A 56 -6.68 28.04 7.99
CA SER A 56 -7.50 29.25 7.92
C SER A 56 -6.60 30.47 7.69
N THR A 57 -7.15 31.51 7.09
CA THR A 57 -6.39 32.73 6.82
C THR A 57 -5.89 33.37 8.13
N LYS A 58 -6.71 33.33 9.17
CA LYS A 58 -6.30 33.81 10.49
C LYS A 58 -5.05 33.09 10.99
N THR A 59 -5.06 31.75 10.92
CA THR A 59 -3.91 31.00 11.39
C THR A 59 -2.67 31.28 10.52
N LEU A 60 -2.86 31.40 9.22
CA LEU A 60 -1.72 31.63 8.32
C LEU A 60 -1.05 32.97 8.60
N VAL A 61 -1.86 34.00 8.85
CA VAL A 61 -1.35 35.34 9.14
C VAL A 61 -0.52 35.33 10.42
N GLU A 62 -1.00 34.63 11.44
CA GLU A 62 -0.26 34.53 12.69
C GLU A 62 1.03 33.73 12.54
N ALA A 63 1.03 32.72 11.67
CA ALA A 63 2.23 31.89 11.50
C ALA A 63 3.37 32.59 10.77
N ASN A 64 3.08 33.23 9.63
CA ASN A 64 4.12 33.84 8.79
C ASN A 64 3.57 35.00 7.99
N ASN A 65 3.40 36.15 8.62
CA ASN A 65 2.64 37.21 8.00
C ASN A 65 3.30 37.83 6.76
N GLU A 66 4.62 37.70 6.62
CA GLU A 66 5.34 38.29 5.47
C GLU A 66 5.62 37.29 4.35
N HIS A 67 5.08 36.09 4.47
CA HIS A 67 5.32 35.05 3.47
C HIS A 67 4.83 35.54 2.10
N MET A 68 5.58 35.21 1.05
N MET A 68 5.58 35.22 1.06
CA MET A 68 5.28 35.71 -0.30
CA MET A 68 5.30 35.67 -0.31
C MET A 68 4.06 35.02 -0.92
C MET A 68 4.05 35.02 -0.90
N VAL A 69 3.24 35.84 -1.58
CA VAL A 69 2.04 35.39 -2.28
C VAL A 69 2.14 35.87 -3.74
N GLU A 70 1.92 34.99 -4.72
CA GLU A 70 1.87 35.43 -6.10
C GLU A 70 0.44 35.86 -6.44
N VAL A 71 0.25 37.12 -6.83
CA VAL A 71 -1.09 37.63 -7.11
C VAL A 71 -1.44 37.61 -8.60
N ARG A 72 -2.61 37.06 -8.93
CA ARG A 72 -3.16 37.20 -10.27
C ARG A 72 -4.34 38.17 -10.25
N THR A 73 -4.24 39.25 -11.03
CA THR A 73 -5.37 40.16 -11.21
C THR A 73 -6.20 39.77 -12.45
N GLN A 74 -7.50 39.57 -12.26
CA GLN A 74 -8.37 38.98 -13.28
C GLN A 74 -9.71 39.72 -13.39
N LEU A 75 -10.46 39.44 -14.45
CA LEU A 75 -11.83 39.92 -14.53
C LEU A 75 -12.80 38.96 -13.83
N LEU A 76 -13.78 39.52 -13.15
CA LEU A 76 -14.84 38.72 -12.53
C LEU A 76 -15.93 38.42 -13.58
N GLN A 77 -15.97 37.16 -14.02
CA GLN A 77 -16.77 36.77 -15.17
C GLN A 77 -18.04 35.99 -14.78
N PRO A 78 -19.10 36.08 -15.62
CA PRO A 78 -20.38 35.43 -15.33
C PRO A 78 -20.36 33.91 -15.48
N ALA A 79 -20.87 33.21 -14.47
CA ALA A 79 -21.00 31.75 -14.49
C ALA A 79 -19.78 31.04 -15.07
N ASP A 80 -20.00 30.26 -16.14
CA ASP A 80 -18.98 29.42 -16.77
C ASP A 80 -18.42 30.03 -18.05
N GLU A 81 -18.67 31.31 -18.27
CA GLU A 81 -18.31 31.97 -19.52
C GLU A 81 -17.05 32.82 -19.40
N ASN A 82 -16.44 33.14 -20.54
CA ASN A 82 -15.34 34.09 -20.62
C ASN A 82 -15.52 35.05 -21.80
N TRP A 83 -15.81 36.31 -21.49
CA TRP A 83 -16.09 37.34 -22.50
C TRP A 83 -14.88 38.21 -22.77
N ASP A 84 -14.82 38.75 -23.99
CA ASP A 84 -13.87 39.80 -24.32
C ASP A 84 -14.15 40.99 -23.39
N PRO A 85 -13.15 41.83 -23.12
CA PRO A 85 -13.38 42.88 -22.10
C PRO A 85 -14.38 43.97 -22.51
N THR A 86 -14.84 43.98 -23.77
CA THR A 86 -15.90 44.91 -24.16
C THR A 86 -17.31 44.31 -24.05
N GLY A 87 -17.39 43.02 -23.76
CA GLY A 87 -18.67 42.36 -23.56
C GLY A 87 -19.39 42.02 -24.85
N THR A 88 -18.62 41.89 -25.91
CA THR A 88 -19.18 41.67 -27.24
C THR A 88 -19.30 40.18 -27.57
N LYS A 89 -18.18 39.46 -27.50
CA LYS A 89 -18.19 38.03 -27.80
C LYS A 89 -17.42 37.20 -26.76
N LYS A 90 -17.80 35.93 -26.66
CA LYS A 90 -17.07 34.99 -25.82
C LYS A 90 -15.79 34.53 -26.51
N ILE A 91 -14.67 34.57 -25.79
CA ILE A 91 -13.38 34.16 -26.34
C ILE A 91 -12.58 33.24 -25.38
N TRP A 92 -11.55 32.58 -25.91
CA TRP A 92 -10.72 31.66 -25.12
C TRP A 92 -9.63 32.38 -24.32
N ARG A 93 -9.08 33.48 -24.83
CA ARG A 93 -8.03 34.19 -24.09
C ARG A 93 -8.58 34.83 -22.81
N CYS A 94 -7.92 34.59 -21.68
CA CYS A 94 -8.33 35.25 -20.45
C CYS A 94 -7.15 35.94 -19.78
N GLU A 95 -7.34 37.24 -19.52
CA GLU A 95 -6.30 38.10 -18.95
C GLU A 95 -6.07 37.81 -17.47
N SER A 96 -4.79 37.70 -17.09
CA SER A 96 -4.39 37.30 -15.75
C SER A 96 -3.02 37.89 -15.38
N ASN A 97 -2.96 39.19 -15.09
CA ASN A 97 -1.70 39.89 -14.77
C ASN A 97 -1.09 39.55 -13.41
N ARG A 98 0.23 39.49 -13.35
CA ARG A 98 0.96 38.98 -12.17
C ARG A 98 1.70 40.06 -11.40
N SER A 99 1.72 39.92 -10.07
CA SER A 99 2.53 40.73 -9.16
C SER A 99 2.73 39.90 -7.89
N HIS A 100 3.30 40.49 -6.86
CA HIS A 100 3.54 39.77 -5.62
C HIS A 100 3.07 40.56 -4.40
N THR A 101 2.62 39.85 -3.37
CA THR A 101 2.26 40.50 -2.13
C THR A 101 2.64 39.57 -0.96
N THR A 102 2.19 39.91 0.25
CA THR A 102 2.40 39.06 1.44
C THR A 102 1.07 38.46 1.92
N ILE A 103 1.16 37.43 2.76
CA ILE A 103 -0.04 36.76 3.25
C ILE A 103 -0.89 37.77 4.02
N ALA A 104 -0.25 38.61 4.82
CA ALA A 104 -0.97 39.62 5.59
C ALA A 104 -1.73 40.62 4.74
N LYS A 105 -1.14 41.05 3.61
CA LYS A 105 -1.79 41.99 2.74
C LYS A 105 -2.94 41.33 1.97
N TYR A 106 -2.74 40.10 1.50
CA TYR A 106 -3.82 39.41 0.80
C TYR A 106 -4.95 39.10 1.78
N ALA A 107 -4.60 38.73 3.01
CA ALA A 107 -5.62 38.44 4.02
C ALA A 107 -6.56 39.62 4.23
N GLN A 108 -5.98 40.81 4.26
CA GLN A 108 -6.74 42.05 4.41
C GLN A 108 -7.71 42.23 3.22
N TYR A 109 -7.22 41.97 2.00
CA TYR A 109 -8.07 42.10 0.81
C TYR A 109 -9.21 41.06 0.85
N GLN A 110 -8.89 39.83 1.25
CA GLN A 110 -9.88 38.74 1.25
C GLN A 110 -11.01 39.08 2.24
N ALA A 111 -10.65 39.51 3.45
CA ALA A 111 -11.63 39.89 4.46
C ALA A 111 -12.45 41.14 4.08
N SER A 112 -11.82 42.20 3.55
CA SER A 112 -12.60 43.39 3.22
C SER A 112 -13.45 43.17 1.97
N SER A 113 -12.99 42.28 1.09
CA SER A 113 -13.79 41.81 -0.05
C SER A 113 -15.16 41.23 0.40
N PHE A 114 -15.11 40.40 1.44
CA PHE A 114 -16.31 39.74 1.95
C PHE A 114 -17.22 40.75 2.64
N GLN A 115 -16.65 41.59 3.50
CA GLN A 115 -17.45 42.62 4.17
C GLN A 115 -18.13 43.54 3.15
N GLU A 116 -17.39 43.98 2.14
CA GLU A 116 -17.97 44.82 1.09
C GLU A 116 -19.15 44.13 0.37
N SER A 117 -19.01 42.83 0.12
CA SER A 117 -20.08 42.06 -0.53
C SER A 117 -21.34 41.94 0.36
N LEU A 118 -21.11 41.78 1.66
CA LEU A 118 -22.18 41.82 2.66
C LEU A 118 -22.98 43.14 2.60
N ARG A 119 -22.28 44.26 2.46
CA ARG A 119 -22.95 45.56 2.43
C ARG A 119 -23.79 45.73 1.18
N GLU A 120 -23.29 45.25 0.04
CA GLU A 120 -24.02 45.33 -1.21
C GLU A 120 -25.26 44.47 -1.14
N GLU A 121 -25.12 43.29 -0.52
CA GLU A 121 -26.24 42.37 -0.35
C GLU A 121 -27.34 43.05 0.43
N ASN A 122 -26.95 43.76 1.49
CA ASN A 122 -27.91 44.36 2.39
C ASN A 122 -28.45 45.71 1.93
N GLU A 123 -27.69 46.39 1.07
CA GLU A 123 -28.06 47.72 0.58
C GLU A 123 -28.11 47.76 -0.94
N LYS A 147 -22.34 40.31 -21.29
CA LYS A 147 -21.96 41.69 -21.56
C LYS A 147 -21.64 42.45 -20.26
N GLY A 148 -20.74 43.42 -20.33
CA GLY A 148 -20.19 43.99 -19.11
C GLY A 148 -20.91 45.18 -18.49
N PRO A 149 -20.15 46.11 -17.89
CA PRO A 149 -18.69 46.01 -17.70
C PRO A 149 -18.32 45.11 -16.52
N PHE A 150 -17.11 44.55 -16.54
CA PHE A 150 -16.73 43.57 -15.53
C PHE A 150 -15.85 44.15 -14.43
N LYS A 151 -16.06 43.69 -13.19
CA LYS A 151 -15.22 44.06 -12.08
C LYS A 151 -13.90 43.28 -12.12
N THR A 152 -12.90 43.81 -11.45
CA THR A 152 -11.58 43.22 -11.35
C THR A 152 -11.41 42.58 -9.97
N ILE A 153 -10.84 41.38 -9.92
CA ILE A 153 -10.56 40.70 -8.64
C ILE A 153 -9.10 40.25 -8.57
N LYS A 154 -8.65 39.88 -7.36
CA LYS A 154 -7.30 39.39 -7.14
C LYS A 154 -7.31 37.97 -6.53
N PHE A 155 -6.43 37.11 -7.06
CA PHE A 155 -6.31 35.71 -6.70
C PHE A 155 -4.89 35.45 -6.11
N GLY A 156 -4.83 34.97 -4.88
CA GLY A 156 -3.54 34.62 -4.26
C GLY A 156 -3.14 33.17 -4.57
N THR A 157 -2.05 32.99 -5.33
N THR A 157 -2.05 32.98 -5.31
CA THR A 157 -1.67 31.67 -5.85
CA THR A 157 -1.72 31.63 -5.80
C THR A 157 -0.26 31.22 -5.47
C THR A 157 -0.25 31.24 -5.58
N ASN A 158 0.02 29.94 -5.71
CA ASN A 158 1.37 29.38 -5.59
C ASN A 158 2.14 29.75 -4.34
N ILE A 159 1.48 29.67 -3.18
CA ILE A 159 2.11 30.03 -1.91
C ILE A 159 2.94 28.84 -1.37
N ASP A 160 4.23 29.05 -1.13
CA ASP A 160 5.18 27.94 -0.88
C ASP A 160 5.21 27.44 0.57
N LEU A 161 4.65 26.25 0.81
CA LEU A 161 4.63 25.67 2.17
C LEU A 161 5.68 24.55 2.33
N SER A 162 6.83 24.70 1.69
CA SER A 162 7.86 23.67 1.75
C SER A 162 8.66 23.64 3.05
N ASP A 163 8.69 24.75 3.79
CA ASP A 163 9.61 24.86 4.95
C ASP A 163 9.02 24.23 6.22
N ASN A 164 9.64 23.13 6.66
CA ASN A 164 9.12 22.40 7.81
C ASN A 164 9.18 23.18 9.13
N LYS A 165 10.15 24.08 9.25
CA LYS A 165 10.22 24.92 10.45
C LYS A 165 9.06 25.91 10.48
N LYS A 166 8.84 26.60 9.37
CA LYS A 166 7.78 27.61 9.29
C LYS A 166 6.37 27.05 9.38
N TRP A 167 6.17 25.83 8.88
CA TRP A 167 4.84 25.23 8.77
C TRP A 167 4.71 23.87 9.46
N LYS A 168 5.35 23.74 10.63
CA LYS A 168 5.46 22.44 11.32
C LYS A 168 4.11 21.74 11.51
N LEU A 169 3.17 22.43 12.15
CA LEU A 169 1.89 21.81 12.49
C LEU A 169 1.05 21.55 11.24
N GLN A 170 1.12 22.48 10.29
CA GLN A 170 0.39 22.31 9.01
C GLN A 170 0.81 21.02 8.29
N LEU A 171 2.10 20.82 8.09
CA LEU A 171 2.59 19.64 7.36
C LEU A 171 2.36 18.34 8.15
N HIS A 172 2.43 18.42 9.48
CA HIS A 172 2.13 17.25 10.31
C HIS A 172 0.70 16.76 10.12
N GLU A 173 -0.24 17.71 10.02
CA GLU A 173 -1.67 17.37 9.90
C GLU A 173 -1.93 16.55 8.63
N LEU A 174 -1.14 16.81 7.58
CA LEU A 174 -1.31 16.09 6.33
C LEU A 174 -0.72 14.68 6.37
N THR A 175 0.01 14.31 7.40
CA THR A 175 0.46 12.91 7.50
C THR A 175 -0.69 12.01 7.98
N LYS A 176 -1.85 12.60 8.29
N LYS A 176 -1.85 12.60 8.26
CA LYS A 176 -3.01 11.82 8.69
CA LYS A 176 -3.01 11.84 8.69
C LYS A 176 -3.67 11.16 7.50
C LYS A 176 -3.79 11.29 7.51
N LEU A 177 -3.40 11.67 6.31
CA LEU A 177 -4.00 11.13 5.08
C LEU A 177 -3.61 9.65 4.87
N PRO A 178 -4.47 8.88 4.16
CA PRO A 178 -4.05 7.55 3.71
C PRO A 178 -2.81 7.64 2.82
N ALA A 179 -1.94 6.63 2.85
CA ALA A 179 -0.59 6.74 2.28
C ALA A 179 -0.58 7.16 0.82
N PHE A 180 -1.51 6.64 0.03
CA PHE A 180 -1.46 6.92 -1.41
C PHE A 180 -1.66 8.39 -1.78
N ALA A 181 -2.23 9.18 -0.88
CA ALA A 181 -2.47 10.60 -1.17
C ALA A 181 -1.49 11.54 -0.47
N ARG A 182 -0.55 11.00 0.29
CA ARG A 182 0.42 11.84 1.02
C ARG A 182 1.43 12.53 0.08
N VAL A 183 2.00 13.65 0.53
CA VAL A 183 3.12 14.31 -0.18
C VAL A 183 4.31 13.35 -0.31
N VAL A 184 4.60 12.61 0.75
CA VAL A 184 5.69 11.62 0.77
C VAL A 184 5.20 10.20 1.03
N SER A 185 5.57 9.25 0.17
CA SER A 185 5.26 7.83 0.45
C SER A 185 6.09 6.88 -0.41
N ALA A 186 6.26 5.66 0.08
CA ALA A 186 7.15 4.70 -0.54
C ALA A 186 6.70 4.44 -1.97
N GLY A 187 5.41 4.51 -2.21
CA GLY A 187 4.87 4.20 -3.52
C GLY A 187 4.70 5.40 -4.44
N ASN A 188 5.22 6.56 -4.04
CA ASN A 188 5.07 7.80 -4.83
C ASN A 188 6.34 8.03 -5.66
N LEU A 189 6.24 7.97 -6.99
CA LEU A 189 7.42 8.24 -7.84
C LEU A 189 8.15 9.54 -7.51
N LEU A 190 7.40 10.57 -7.10
CA LEU A 190 8.04 11.84 -6.78
C LEU A 190 8.86 11.78 -5.49
N THR A 191 8.63 10.75 -4.67
CA THR A 191 9.48 10.54 -3.49
C THR A 191 10.82 9.90 -3.92
N HIS A 192 10.83 9.29 -5.11
CA HIS A 192 12.01 8.58 -5.63
C HIS A 192 12.91 9.41 -6.55
N VAL A 193 12.51 10.67 -6.80
CA VAL A 193 13.32 11.57 -7.62
C VAL A 193 14.65 11.90 -6.93
N GLY A 194 14.62 12.10 -5.62
CA GLY A 194 15.85 12.32 -4.88
C GLY A 194 16.20 13.77 -4.61
N HIS A 195 15.28 14.68 -4.88
CA HIS A 195 15.47 16.07 -4.50
C HIS A 195 14.13 16.81 -4.56
N THR A 196 14.14 18.04 -4.06
CA THR A 196 12.93 18.84 -3.94
C THR A 196 12.49 19.47 -5.26
N ILE A 197 11.28 19.16 -5.70
CA ILE A 197 10.68 19.85 -6.82
C ILE A 197 9.53 20.70 -6.29
N LEU A 198 9.77 22.01 -6.17
CA LEU A 198 8.82 22.90 -5.52
C LEU A 198 7.40 22.85 -6.09
N GLY A 199 6.41 22.56 -5.25
CA GLY A 199 5.02 22.55 -5.70
C GLY A 199 4.56 21.19 -6.19
N MET A 200 5.52 20.27 -6.40
CA MET A 200 5.19 18.92 -6.82
C MET A 200 5.35 17.96 -5.63
N ASN A 201 6.55 17.88 -5.03
CA ASN A 201 6.65 17.08 -3.82
C ASN A 201 6.79 17.94 -2.57
N THR A 202 6.31 19.19 -2.70
CA THR A 202 6.04 20.08 -1.58
C THR A 202 4.66 20.70 -1.79
N VAL A 203 4.06 21.19 -0.70
CA VAL A 203 2.68 21.72 -0.72
C VAL A 203 2.59 23.15 -1.21
N GLN A 204 1.60 23.42 -2.05
CA GLN A 204 1.22 24.78 -2.46
C GLN A 204 -0.12 25.20 -1.86
N LEU A 205 -0.24 26.48 -1.50
CA LEU A 205 -1.45 27.02 -0.92
C LEU A 205 -2.02 28.12 -1.83
N TYR A 206 -3.35 28.20 -1.85
CA TYR A 206 -4.09 29.18 -2.65
C TYR A 206 -5.08 29.93 -1.74
N MET A 207 -5.11 31.26 -1.82
CA MET A 207 -6.10 32.05 -1.07
C MET A 207 -7.03 32.74 -2.08
N LYS A 208 -8.35 32.57 -1.91
CA LYS A 208 -9.28 32.97 -2.96
C LYS A 208 -10.45 33.88 -2.57
N VAL A 209 -10.99 34.61 -3.56
CA VAL A 209 -12.25 35.32 -3.47
C VAL A 209 -13.10 34.83 -4.62
N PRO A 210 -14.43 35.04 -4.55
CA PRO A 210 -15.26 34.57 -5.66
C PRO A 210 -14.78 35.07 -7.01
N GLY A 211 -14.73 34.15 -7.98
CA GLY A 211 -14.29 34.46 -9.31
C GLY A 211 -12.84 34.11 -9.61
N SER A 212 -12.05 33.87 -8.57
CA SER A 212 -10.63 33.51 -8.73
C SER A 212 -10.47 32.27 -9.63
N ARG A 213 -9.77 32.43 -10.76
CA ARG A 213 -9.73 31.36 -11.77
C ARG A 213 -8.34 30.76 -12.02
N THR A 214 -8.30 29.42 -12.04
CA THR A 214 -7.14 28.67 -12.54
C THR A 214 -7.44 28.22 -13.96
N PRO A 215 -6.72 28.79 -14.95
CA PRO A 215 -7.05 28.55 -16.37
C PRO A 215 -6.68 27.14 -16.84
N GLY A 216 -7.10 26.77 -18.04
CA GLY A 216 -6.86 25.43 -18.54
C GLY A 216 -5.42 24.94 -18.56
N HIS A 217 -5.19 23.74 -18.06
CA HIS A 217 -3.86 23.12 -18.11
C HIS A 217 -3.87 21.62 -17.89
N GLN A 218 -2.74 20.98 -18.19
CA GLN A 218 -2.39 19.69 -17.63
C GLN A 218 -1.32 19.93 -16.57
N GLU A 219 -1.18 19.01 -15.61
CA GLU A 219 -0.14 19.10 -14.58
C GLU A 219 1.25 18.95 -15.21
N ASN A 220 2.27 19.40 -14.49
CA ASN A 220 3.66 19.18 -14.86
C ASN A 220 4.00 17.70 -15.09
N ASN A 221 4.52 17.42 -16.29
CA ASN A 221 4.87 16.07 -16.76
C ASN A 221 3.73 15.08 -16.57
N ASN A 222 2.50 15.59 -16.64
CA ASN A 222 1.27 14.78 -16.53
C ASN A 222 1.16 13.96 -15.22
N PHE A 223 1.74 14.43 -14.12
CA PHE A 223 1.57 13.72 -12.85
C PHE A 223 0.17 13.97 -12.24
N CYS A 224 -0.33 13.03 -11.45
CA CYS A 224 -1.59 13.22 -10.76
C CYS A 224 -1.46 14.40 -9.78
N SER A 225 -2.59 15.01 -9.43
N SER A 225 -2.60 14.97 -9.39
CA SER A 225 -2.62 16.04 -8.40
CA SER A 225 -2.66 16.07 -8.43
C SER A 225 -3.67 15.74 -7.32
C SER A 225 -3.71 15.82 -7.35
N VAL A 226 -3.38 16.22 -6.11
CA VAL A 226 -4.29 16.12 -4.97
C VAL A 226 -4.66 17.55 -4.55
N ASN A 227 -5.94 17.84 -4.36
CA ASN A 227 -6.38 19.18 -3.93
C ASN A 227 -7.43 19.11 -2.80
N ILE A 228 -7.19 19.78 -1.67
CA ILE A 228 -8.21 19.83 -0.61
C ILE A 228 -8.74 21.26 -0.43
N ASN A 229 -10.06 21.42 -0.46
CA ASN A 229 -10.69 22.73 -0.18
C ASN A 229 -10.81 22.96 1.32
N ILE A 230 -10.19 24.04 1.79
CA ILE A 230 -10.18 24.42 3.21
C ILE A 230 -11.52 25.07 3.61
N GLY A 231 -12.22 25.64 2.61
CA GLY A 231 -13.47 26.33 2.84
C GLY A 231 -13.24 27.76 3.29
N PRO A 232 -14.29 28.45 3.76
CA PRO A 232 -15.68 27.99 3.96
C PRO A 232 -16.53 27.95 2.70
N GLY A 233 -16.10 28.65 1.65
CA GLY A 233 -16.83 28.66 0.38
C GLY A 233 -16.48 27.47 -0.51
N ASP A 234 -17.21 27.34 -1.62
CA ASP A 234 -17.05 26.24 -2.57
C ASP A 234 -16.14 26.59 -3.76
N CYS A 235 -15.62 25.56 -4.43
CA CYS A 235 -15.01 25.70 -5.77
C CYS A 235 -15.80 24.93 -6.82
N GLU A 236 -15.74 25.39 -8.06
CA GLU A 236 -16.36 24.69 -9.20
C GLU A 236 -15.32 24.23 -10.21
N TRP A 237 -15.39 22.95 -10.62
CA TRP A 237 -14.32 22.32 -11.42
C TRP A 237 -14.84 21.86 -12.80
N PHE A 238 -13.98 21.97 -13.82
CA PHE A 238 -14.28 21.53 -15.18
C PHE A 238 -13.15 20.58 -15.61
N VAL A 239 -13.53 19.41 -16.13
CA VAL A 239 -12.55 18.36 -16.39
C VAL A 239 -12.79 17.70 -17.75
N VAL A 240 -11.72 17.53 -18.52
CA VAL A 240 -11.77 16.84 -19.82
C VAL A 240 -10.71 15.73 -19.87
N PRO A 241 -11.08 14.50 -20.33
CA PRO A 241 -10.13 13.38 -20.34
C PRO A 241 -8.87 13.62 -21.18
N GLU A 242 -7.78 12.97 -20.77
CA GLU A 242 -6.48 13.15 -21.41
C GLU A 242 -6.51 12.96 -22.93
N ASP A 243 -7.31 12.01 -23.42
CA ASP A 243 -7.25 11.70 -24.84
C ASP A 243 -7.90 12.76 -25.75
N TYR A 244 -8.51 13.80 -25.16
CA TYR A 244 -9.06 14.89 -25.97
C TYR A 244 -8.14 16.12 -26.00
N TRP A 245 -6.94 15.98 -25.47
CA TRP A 245 -6.06 17.13 -25.35
C TRP A 245 -5.64 17.70 -26.71
N GLY A 246 -5.47 16.83 -27.71
CA GLY A 246 -5.16 17.29 -29.05
C GLY A 246 -6.21 18.24 -29.60
N VAL A 247 -7.48 17.94 -29.32
CA VAL A 247 -8.58 18.79 -29.73
C VAL A 247 -8.51 20.18 -29.06
N LEU A 248 -8.14 20.21 -27.79
CA LEU A 248 -8.06 21.48 -27.09
C LEU A 248 -6.84 22.25 -27.56
N ASN A 249 -5.78 21.53 -27.88
CA ASN A 249 -4.60 22.14 -28.47
C ASN A 249 -4.97 22.87 -29.77
N ASP A 250 -5.76 22.21 -30.60
CA ASP A 250 -6.21 22.81 -31.86
C ASP A 250 -7.01 24.08 -31.65
N PHE A 251 -7.88 24.08 -30.64
CA PHE A 251 -8.69 25.26 -30.34
C PHE A 251 -7.78 26.42 -29.97
N CYS A 252 -6.75 26.12 -29.18
CA CYS A 252 -5.80 27.14 -28.75
C CYS A 252 -5.10 27.78 -29.94
N GLU A 253 -4.48 26.94 -30.77
CA GLU A 253 -3.71 27.43 -31.90
C GLU A 253 -4.61 28.23 -32.84
N LYS A 254 -5.82 27.74 -33.06
CA LYS A 254 -6.79 28.44 -33.90
C LYS A 254 -7.15 29.82 -33.35
N ASN A 255 -7.05 29.98 -32.03
CA ASN A 255 -7.33 31.27 -31.38
C ASN A 255 -6.07 32.07 -31.06
N ASN A 256 -4.96 31.70 -31.69
CA ASN A 256 -3.69 32.41 -31.51
C ASN A 256 -3.17 32.33 -30.08
N LEU A 257 -3.24 31.14 -29.49
CA LEU A 257 -2.78 30.93 -28.12
C LEU A 257 -1.90 29.67 -28.04
N ASN A 258 -0.90 29.68 -27.15
CA ASN A 258 -0.10 28.50 -26.90
C ASN A 258 -0.78 27.63 -25.85
N PHE A 259 -0.94 26.35 -26.13
CA PHE A 259 -1.59 25.43 -25.19
C PHE A 259 -0.86 25.44 -23.85
N LEU A 260 0.48 25.36 -23.92
CA LEU A 260 1.32 25.15 -22.74
C LEU A 260 1.67 26.44 -22.00
N MET A 261 1.70 27.56 -22.72
CA MET A 261 2.24 28.81 -22.18
C MET A 261 1.21 29.92 -21.90
N SER A 262 0.12 29.96 -22.65
CA SER A 262 -0.90 31.02 -22.52
C SER A 262 -2.02 30.67 -21.53
N SER A 263 -2.69 31.70 -21.02
CA SER A 263 -3.88 31.54 -20.17
C SER A 263 -5.17 31.46 -21.01
N TRP A 264 -5.82 30.29 -21.01
CA TRP A 264 -7.07 30.14 -21.75
C TRP A 264 -8.22 29.53 -20.93
N TRP A 265 -9.44 29.92 -21.27
CA TRP A 265 -10.65 29.47 -20.57
C TRP A 265 -11.65 29.00 -21.62
N PRO A 266 -11.77 27.67 -21.77
CA PRO A 266 -12.56 27.06 -22.86
C PRO A 266 -14.01 27.56 -22.94
N ASN A 267 -14.49 27.81 -24.16
CA ASN A 267 -15.89 28.09 -24.42
C ASN A 267 -16.65 26.77 -24.47
N LEU A 268 -17.57 26.57 -23.53
CA LEU A 268 -18.23 25.28 -23.39
C LEU A 268 -19.07 24.96 -24.62
N GLU A 269 -19.60 26.00 -25.25
CA GLU A 269 -20.40 25.78 -26.45
C GLU A 269 -19.51 25.33 -27.62
N ASP A 270 -18.25 25.76 -27.63
CA ASP A 270 -17.28 25.24 -28.61
C ASP A 270 -16.96 23.76 -28.38
N LEU A 271 -16.71 23.39 -27.12
CA LEU A 271 -16.42 22.00 -26.79
C LEU A 271 -17.63 21.10 -27.09
N TYR A 272 -18.82 21.56 -26.75
CA TYR A 272 -20.03 20.79 -26.99
C TYR A 272 -20.23 20.53 -28.49
N GLU A 273 -19.98 21.57 -29.28
CA GLU A 273 -20.15 21.48 -30.73
C GLU A 273 -19.09 20.57 -31.35
N ALA A 274 -17.94 20.46 -30.71
CA ALA A 274 -16.88 19.57 -31.16
C ALA A 274 -16.99 18.17 -30.55
N ASN A 275 -18.08 17.95 -29.81
CA ASN A 275 -18.35 16.68 -29.14
C ASN A 275 -17.29 16.20 -28.14
N VAL A 276 -16.75 17.16 -27.38
CA VAL A 276 -15.87 16.87 -26.27
C VAL A 276 -16.65 16.81 -24.95
N PRO A 277 -16.55 15.68 -24.23
CA PRO A 277 -17.31 15.54 -22.99
C PRO A 277 -16.63 16.37 -21.90
N VAL A 278 -17.43 17.05 -21.07
CA VAL A 278 -16.92 17.86 -19.96
C VAL A 278 -17.52 17.37 -18.64
N TYR A 279 -16.66 16.95 -17.71
CA TYR A 279 -17.08 16.64 -16.34
C TYR A 279 -17.12 17.95 -15.58
N ARG A 280 -18.16 18.15 -14.79
CA ARG A 280 -18.40 19.42 -14.10
C ARG A 280 -18.97 19.16 -12.71
N PHE A 281 -18.36 19.73 -11.66
CA PHE A 281 -18.78 19.42 -10.28
C PHE A 281 -18.36 20.48 -9.27
N ILE A 282 -18.99 20.43 -8.09
CA ILE A 282 -18.69 21.30 -6.95
C ILE A 282 -17.85 20.59 -5.89
N GLN A 283 -16.73 21.21 -5.49
CA GLN A 283 -15.86 20.74 -4.41
C GLN A 283 -16.19 21.58 -3.19
N ARG A 284 -16.71 20.94 -2.13
CA ARG A 284 -17.11 21.64 -0.89
C ARG A 284 -15.96 21.58 0.11
N PRO A 285 -16.04 22.37 1.21
CA PRO A 285 -14.97 22.29 2.21
C PRO A 285 -14.81 20.86 2.75
N GLY A 286 -13.56 20.38 2.81
CA GLY A 286 -13.24 19.04 3.26
C GLY A 286 -13.23 17.97 2.16
N ASP A 287 -13.70 18.33 0.96
CA ASP A 287 -13.68 17.40 -0.18
C ASP A 287 -12.28 17.35 -0.81
N LEU A 288 -11.80 16.15 -1.12
CA LEU A 288 -10.50 15.97 -1.82
C LEU A 288 -10.74 15.63 -3.28
N VAL A 289 -10.07 16.39 -4.16
CA VAL A 289 -10.16 16.14 -5.58
C VAL A 289 -8.86 15.48 -6.05
N TRP A 290 -8.97 14.32 -6.70
CA TRP A 290 -7.85 13.60 -7.31
C TRP A 290 -7.93 13.76 -8.81
N ILE A 291 -6.99 14.50 -9.38
CA ILE A 291 -6.90 14.66 -10.85
C ILE A 291 -5.97 13.56 -11.38
N ASN A 292 -6.50 12.64 -12.20
CA ASN A 292 -5.71 11.52 -12.71
C ASN A 292 -4.73 11.96 -13.80
N ALA A 293 -3.76 11.10 -14.12
CA ALA A 293 -2.65 11.46 -14.99
C ALA A 293 -3.08 12.07 -16.34
N GLY A 294 -2.54 13.23 -16.68
CA GLY A 294 -2.82 13.87 -17.96
C GLY A 294 -4.19 14.55 -18.14
N THR A 295 -5.05 14.47 -17.13
CA THR A 295 -6.39 15.04 -17.22
C THR A 295 -6.39 16.58 -17.34
N VAL A 296 -7.09 17.10 -18.34
CA VAL A 296 -7.12 18.54 -18.62
C VAL A 296 -8.19 19.19 -17.75
N HIS A 297 -7.87 20.31 -17.10
CA HIS A 297 -8.84 20.86 -16.15
C HIS A 297 -8.65 22.37 -15.94
N TRP A 298 -9.71 23.03 -15.50
CA TRP A 298 -9.69 24.45 -15.11
C TRP A 298 -10.69 24.66 -13.95
N VAL A 299 -10.49 25.70 -13.12
CA VAL A 299 -11.24 25.81 -11.84
C VAL A 299 -11.60 27.26 -11.47
N GLN A 300 -12.73 27.47 -10.81
CA GLN A 300 -13.06 28.80 -10.28
C GLN A 300 -13.65 28.74 -8.87
N ALA A 301 -13.26 29.68 -8.02
CA ALA A 301 -13.92 29.80 -6.74
C ALA A 301 -15.34 30.36 -6.91
N VAL A 302 -16.30 29.73 -6.24
CA VAL A 302 -17.68 30.23 -6.19
C VAL A 302 -17.89 31.12 -4.97
N GLY A 303 -17.27 30.75 -3.85
CA GLY A 303 -17.30 31.54 -2.63
C GLY A 303 -15.91 32.02 -2.21
N TRP A 304 -15.77 32.39 -0.93
CA TRP A 304 -14.48 32.72 -0.32
C TRP A 304 -13.85 31.48 0.32
N CYS A 305 -12.61 31.14 -0.05
CA CYS A 305 -11.94 29.94 0.49
C CYS A 305 -10.41 29.91 0.29
N ASN A 306 -9.77 28.98 0.99
CA ASN A 306 -8.38 28.58 0.70
C ASN A 306 -8.34 27.12 0.19
N ASN A 307 -7.30 26.78 -0.58
CA ASN A 307 -7.05 25.40 -1.04
C ASN A 307 -5.58 25.03 -0.84
N ILE A 308 -5.31 23.74 -0.68
CA ILE A 308 -3.94 23.24 -0.71
C ILE A 308 -3.83 22.15 -1.77
N ALA A 309 -2.68 22.03 -2.42
CA ALA A 309 -2.48 21.01 -3.45
C ALA A 309 -1.03 20.57 -3.62
N TRP A 310 -0.84 19.39 -4.22
CA TRP A 310 0.50 18.89 -4.54
C TRP A 310 0.34 17.80 -5.57
N ASN A 311 1.44 17.23 -6.03
CA ASN A 311 1.35 16.10 -6.98
C ASN A 311 1.72 14.74 -6.39
N VAL A 312 1.33 13.67 -7.06
CA VAL A 312 1.67 12.30 -6.65
C VAL A 312 1.85 11.51 -7.93
N GLY A 313 2.78 10.54 -7.97
CA GLY A 313 2.96 9.67 -9.12
C GLY A 313 2.82 8.19 -8.78
N PRO A 314 1.63 7.62 -9.05
CA PRO A 314 1.39 6.20 -8.77
C PRO A 314 2.26 5.29 -9.64
N LEU A 315 2.67 4.16 -9.10
CA LEU A 315 3.48 3.21 -9.87
C LEU A 315 2.57 2.41 -10.77
N THR A 316 2.09 3.04 -11.85
CA THR A 316 1.31 2.34 -12.87
C THR A 316 1.89 2.57 -14.25
N ALA A 317 1.54 1.69 -15.18
CA ALA A 317 1.94 1.85 -16.59
C ALA A 317 1.40 3.15 -17.19
N CYS A 318 0.11 3.40 -16.98
CA CYS A 318 -0.53 4.62 -17.45
C CYS A 318 0.25 5.86 -16.99
N GLN A 319 0.59 5.93 -15.71
CA GLN A 319 1.30 7.13 -15.20
C GLN A 319 2.71 7.27 -15.82
N TYR A 320 3.41 6.15 -15.99
CA TYR A 320 4.80 6.21 -16.48
C TYR A 320 4.77 6.65 -17.94
N LYS A 321 3.88 6.05 -18.71
CA LYS A 321 3.75 6.38 -20.13
C LYS A 321 3.46 7.87 -20.34
N LEU A 322 2.44 8.40 -19.67
CA LEU A 322 2.00 9.78 -19.92
C LEU A 322 3.05 10.80 -19.41
N ALA A 323 3.81 10.39 -18.40
CA ALA A 323 4.91 11.23 -17.90
C ALA A 323 6.06 11.31 -18.91
N VAL A 324 6.44 10.16 -19.47
CA VAL A 324 7.49 10.12 -20.48
C VAL A 324 7.06 10.92 -21.72
N GLU A 325 5.79 10.77 -22.11
CA GLU A 325 5.26 11.37 -23.34
C GLU A 325 5.29 12.89 -23.26
N ARG A 326 4.88 13.43 -22.11
CA ARG A 326 4.94 14.87 -21.88
C ARG A 326 6.38 15.38 -21.76
N TYR A 327 7.25 14.56 -21.17
CA TYR A 327 8.69 14.88 -21.09
C TYR A 327 9.29 15.10 -22.49
N GLU A 328 8.93 14.22 -23.42
CA GLU A 328 9.40 14.32 -24.82
C GLU A 328 8.70 15.43 -25.64
N TRP A 329 7.41 15.62 -25.42
CA TRP A 329 6.69 16.73 -26.04
C TRP A 329 7.26 18.08 -25.59
N ASN A 330 7.71 18.17 -24.34
CA ASN A 330 8.31 19.41 -23.84
C ASN A 330 9.60 19.81 -24.57
N LYS A 331 10.39 18.81 -24.98
CA LYS A 331 11.63 19.09 -25.71
C LYS A 331 11.32 19.70 -27.07
N LEU A 332 10.32 19.15 -27.75
CA LEU A 332 9.92 19.67 -29.05
C LEU A 332 9.40 21.10 -28.95
N LYS A 333 8.77 21.43 -27.82
CA LYS A 333 8.15 22.75 -27.66
C LYS A 333 9.07 23.71 -26.93
N SER A 334 10.30 23.29 -26.71
CA SER A 334 11.29 24.09 -25.99
C SER A 334 10.78 24.56 -24.62
N VAL A 335 10.19 23.64 -23.87
CA VAL A 335 9.72 23.90 -22.51
C VAL A 335 10.44 22.97 -21.52
N LYS A 336 10.86 23.51 -20.38
CA LYS A 336 11.57 22.70 -19.38
C LYS A 336 10.65 21.72 -18.63
N SER A 337 11.15 20.53 -18.39
CA SER A 337 10.49 19.52 -17.55
C SER A 337 10.98 19.64 -16.11
N PRO A 338 10.06 19.92 -15.19
CA PRO A 338 10.42 19.93 -13.76
C PRO A 338 10.82 18.55 -13.25
N VAL A 339 10.31 17.47 -13.84
CA VAL A 339 10.68 16.12 -13.40
C VAL A 339 11.71 15.53 -14.37
N PRO A 340 12.90 15.17 -13.87
CA PRO A 340 13.98 14.56 -14.66
C PRO A 340 13.76 13.07 -14.84
N MET A 341 13.05 12.71 -15.93
CA MET A 341 12.60 11.34 -16.13
C MET A 341 13.72 10.37 -16.40
N VAL A 342 14.87 10.86 -16.86
CA VAL A 342 16.00 9.96 -17.04
C VAL A 342 16.56 9.55 -15.68
N HIS A 343 16.91 10.55 -14.86
CA HIS A 343 17.36 10.32 -13.50
C HIS A 343 16.39 9.43 -12.71
N LEU A 344 15.10 9.74 -12.82
CA LEU A 344 14.06 9.00 -12.11
C LEU A 344 14.00 7.54 -12.57
N SER A 345 14.07 7.33 -13.88
CA SER A 345 14.03 5.98 -14.41
C SER A 345 15.14 5.06 -13.86
N TRP A 346 16.37 5.57 -13.78
CA TRP A 346 17.47 4.80 -13.17
C TRP A 346 17.20 4.54 -11.68
N ASN A 347 16.66 5.52 -10.98
CA ASN A 347 16.30 5.32 -9.56
C ASN A 347 15.27 4.20 -9.39
N MET A 348 14.30 4.13 -10.31
CA MET A 348 13.30 3.06 -10.30
C MET A 348 13.94 1.68 -10.49
N ALA A 349 14.88 1.57 -11.44
CA ALA A 349 15.48 0.29 -11.74
C ALA A 349 16.35 -0.17 -10.59
N ARG A 350 16.94 0.79 -9.88
CA ARG A 350 17.81 0.49 -8.73
C ARG A 350 17.04 0.06 -7.48
N ASN A 351 15.93 0.75 -7.20
CA ASN A 351 15.31 0.66 -5.88
C ASN A 351 13.86 0.17 -5.80
N ILE A 352 13.22 -0.13 -6.93
CA ILE A 352 11.81 -0.52 -6.86
C ILE A 352 11.56 -1.87 -7.50
N LYS A 353 10.87 -2.76 -6.79
CA LYS A 353 10.43 -4.03 -7.38
C LYS A 353 9.22 -3.77 -8.25
N VAL A 354 9.30 -4.14 -9.52
CA VAL A 354 8.19 -3.89 -10.43
C VAL A 354 7.64 -5.22 -10.92
N SER A 355 6.34 -5.44 -10.69
CA SER A 355 5.68 -6.73 -10.95
C SER A 355 4.57 -6.62 -12.01
N ASP A 356 4.22 -5.41 -12.42
CA ASP A 356 3.33 -5.27 -13.58
C ASP A 356 4.13 -5.39 -14.87
N PRO A 357 3.81 -6.39 -15.70
CA PRO A 357 4.58 -6.66 -16.93
C PRO A 357 4.58 -5.51 -17.93
N LYS A 358 3.48 -4.77 -18.05
CA LYS A 358 3.45 -3.69 -19.03
C LYS A 358 4.34 -2.54 -18.55
N LEU A 359 4.31 -2.26 -17.26
CA LEU A 359 5.14 -1.19 -16.68
C LEU A 359 6.62 -1.56 -16.74
N PHE A 360 6.92 -2.81 -16.38
CA PHE A 360 8.29 -3.32 -16.45
C PHE A 360 8.86 -3.16 -17.85
N GLU A 361 8.10 -3.56 -18.87
CA GLU A 361 8.62 -3.47 -20.24
C GLU A 361 8.84 -2.05 -20.72
N MET A 362 8.01 -1.11 -20.24
CA MET A 362 8.17 0.30 -20.55
C MET A 362 9.51 0.85 -20.00
N ILE A 363 9.76 0.58 -18.72
CA ILE A 363 10.98 1.04 -18.06
C ILE A 363 12.22 0.43 -18.72
N LYS A 364 12.16 -0.88 -18.99
CA LYS A 364 13.25 -1.60 -19.63
C LYS A 364 13.55 -1.03 -21.02
N TYR A 365 12.50 -0.77 -21.81
CA TYR A 365 12.67 -0.13 -23.10
C TYR A 365 13.36 1.24 -22.98
N CYS A 366 12.91 2.08 -22.04
CA CYS A 366 13.45 3.42 -21.94
C CYS A 366 14.93 3.39 -21.50
N LEU A 367 15.25 2.55 -20.54
CA LEU A 367 16.65 2.38 -20.11
C LEU A 367 17.56 1.90 -21.24
N LEU A 368 17.09 0.97 -22.06
CA LEU A 368 17.93 0.42 -23.12
C LEU A 368 18.20 1.47 -24.20
N LYS A 369 17.24 2.36 -24.41
CA LYS A 369 17.44 3.46 -25.35
C LYS A 369 18.47 4.43 -24.80
N ILE A 370 18.30 4.87 -23.55
CA ILE A 370 19.27 5.75 -22.91
C ILE A 370 20.70 5.19 -23.03
N LEU A 371 20.85 3.92 -22.68
CA LEU A 371 22.14 3.23 -22.72
C LEU A 371 22.76 3.31 -24.10
N LYS A 372 21.97 3.03 -25.13
CA LYS A 372 22.46 3.06 -26.51
C LYS A 372 22.84 4.48 -26.99
N GLN A 373 22.06 5.49 -26.61
N GLN A 373 21.99 5.49 -26.75
CA GLN A 373 22.41 6.88 -26.93
CA GLN A 373 22.35 6.92 -26.92
C GLN A 373 23.74 7.28 -26.31
C GLN A 373 23.74 7.28 -26.32
N TYR A 374 23.88 6.98 -25.03
CA TYR A 374 25.10 7.26 -24.29
C TYR A 374 26.31 6.60 -24.92
N GLN A 375 26.17 5.33 -25.27
CA GLN A 375 27.21 4.54 -25.94
C GLN A 375 27.68 5.19 -27.25
N THR A 376 26.71 5.52 -28.10
CA THR A 376 26.96 6.21 -29.37
C THR A 376 27.70 7.55 -29.24
N LEU A 377 27.31 8.35 -28.26
CA LEU A 377 27.96 9.64 -28.04
C LEU A 377 29.39 9.46 -27.52
N ARG A 378 29.54 8.63 -26.48
CA ARG A 378 30.84 8.38 -25.88
C ARG A 378 31.85 7.88 -26.91
N GLU A 379 31.39 7.01 -27.81
CA GLU A 379 32.26 6.44 -28.86
C GLU A 379 32.65 7.46 -29.93
N ALA A 380 31.72 8.33 -30.30
CA ALA A 380 32.04 9.38 -31.27
C ALA A 380 33.06 10.35 -30.68
N LEU A 381 32.94 10.59 -29.38
CA LEU A 381 33.87 11.50 -28.72
C LEU A 381 35.29 10.90 -28.71
N VAL A 382 35.40 9.65 -28.28
CA VAL A 382 36.70 8.98 -28.22
C VAL A 382 37.33 8.88 -29.60
N ALA A 383 36.54 8.49 -30.60
CA ALA A 383 37.03 8.38 -31.97
C ALA A 383 37.51 9.72 -32.51
N ALA A 384 36.96 10.82 -32.00
CA ALA A 384 37.38 12.15 -32.40
C ALA A 384 38.60 12.62 -31.62
N GLY A 385 39.21 11.73 -30.86
CA GLY A 385 40.36 12.09 -30.05
C GLY A 385 40.03 13.07 -28.94
N LYS A 386 38.77 13.09 -28.51
CA LYS A 386 38.36 13.90 -27.37
C LYS A 386 38.44 13.10 -26.09
N GLU A 387 39.11 13.64 -25.08
CA GLU A 387 39.31 12.96 -23.81
C GLU A 387 38.02 12.91 -22.97
N VAL A 388 37.73 11.75 -22.40
CA VAL A 388 36.62 11.65 -21.44
C VAL A 388 37.18 11.55 -20.04
N ILE A 389 36.90 12.56 -19.24
CA ILE A 389 37.52 12.71 -17.94
C ILE A 389 36.64 12.21 -16.80
N TRP A 390 37.17 11.27 -16.02
CA TRP A 390 36.40 10.69 -14.93
C TRP A 390 36.11 11.75 -13.89
N HIS A 391 34.85 11.86 -13.52
CA HIS A 391 34.41 12.88 -12.59
C HIS A 391 33.74 12.22 -11.39
N GLY A 392 33.33 10.97 -11.60
CA GLY A 392 32.58 10.25 -10.59
C GLY A 392 31.33 11.00 -10.16
N ARG A 393 30.74 10.56 -9.05
CA ARG A 393 29.50 11.15 -8.58
C ARG A 393 29.46 11.13 -7.06
N THR A 394 29.03 12.23 -6.46
CA THR A 394 28.77 12.24 -5.03
C THR A 394 27.44 11.53 -4.78
N ASN A 395 27.37 10.76 -3.70
CA ASN A 395 26.16 10.01 -3.42
C ASN A 395 24.97 10.93 -3.10
N ASP A 396 23.77 10.45 -3.44
CA ASP A 396 22.53 11.22 -3.35
C ASP A 396 22.61 12.58 -4.06
N GLU A 397 23.43 12.67 -5.10
CA GLU A 397 23.48 13.85 -5.96
C GLU A 397 22.25 13.89 -6.87
N PRO A 398 21.64 15.08 -7.02
CA PRO A 398 20.45 15.24 -7.88
C PRO A 398 20.76 15.14 -9.38
N ALA A 399 19.74 15.44 -10.20
CA ALA A 399 19.87 15.45 -11.65
C ALA A 399 20.42 16.79 -12.11
N HIS A 400 20.76 16.91 -13.40
CA HIS A 400 21.27 18.17 -13.97
C HIS A 400 20.55 18.59 -15.25
N TYR A 401 20.54 19.89 -15.53
CA TYR A 401 19.92 20.44 -16.74
C TYR A 401 20.90 21.36 -17.51
N CYS A 402 20.68 21.54 -18.81
CA CYS A 402 21.55 22.40 -19.65
C CYS A 402 21.34 23.87 -19.31
N SER A 403 22.43 24.57 -19.01
CA SER A 403 22.35 25.98 -18.61
C SER A 403 21.90 26.91 -19.73
N ILE A 404 21.84 26.40 -20.96
CA ILE A 404 21.35 27.21 -22.06
C ILE A 404 19.92 26.85 -22.43
N CYS A 405 19.66 25.58 -22.67
CA CYS A 405 18.36 25.18 -23.20
C CYS A 405 17.46 24.51 -22.18
N GLU A 406 18.01 24.23 -21.00
CA GLU A 406 17.30 23.60 -19.87
C GLU A 406 16.78 22.18 -20.12
N VAL A 407 17.43 21.44 -21.02
CA VAL A 407 17.15 20.01 -21.18
C VAL A 407 17.81 19.23 -20.03
N GLU A 408 17.25 18.08 -19.62
CA GLU A 408 17.98 17.25 -18.66
C GLU A 408 19.29 16.76 -19.30
N VAL A 409 20.37 16.73 -18.53
CA VAL A 409 21.62 16.17 -19.03
C VAL A 409 22.06 15.00 -18.14
N PHE A 410 22.32 13.84 -18.75
CA PHE A 410 22.66 12.66 -17.98
C PHE A 410 24.05 12.06 -18.28
N ASN A 411 24.80 11.86 -17.20
CA ASN A 411 26.11 11.21 -17.16
C ASN A 411 27.25 12.01 -17.81
N LEU A 412 27.19 12.21 -19.12
CA LEU A 412 28.22 12.99 -19.80
C LEU A 412 27.87 14.47 -19.76
N LEU A 413 28.70 15.23 -19.06
CA LEU A 413 28.47 16.66 -18.86
C LEU A 413 29.49 17.48 -19.65
N PHE A 414 29.05 18.61 -20.21
CA PHE A 414 29.95 19.44 -21.02
C PHE A 414 30.17 20.78 -20.32
N VAL A 415 31.42 21.02 -19.95
CA VAL A 415 31.80 22.16 -19.11
C VAL A 415 32.97 22.92 -19.78
N THR A 416 32.95 24.25 -19.74
CA THR A 416 34.02 25.02 -20.40
C THR A 416 35.34 24.80 -19.68
N ASN A 417 36.45 24.95 -20.42
CA ASN A 417 37.79 24.89 -19.83
C ASN A 417 37.94 25.73 -18.57
N GLU A 418 37.42 26.94 -18.64
CA GLU A 418 37.53 27.91 -17.56
C GLU A 418 36.74 27.45 -16.32
N SER A 419 35.47 27.10 -16.54
CA SER A 419 34.62 26.60 -15.45
C SER A 419 35.20 25.34 -14.82
N ASN A 420 35.85 24.51 -15.62
CA ASN A 420 36.53 23.34 -15.09
C ASN A 420 37.59 23.76 -14.07
N THR A 421 38.49 24.66 -14.48
CA THR A 421 39.58 25.09 -13.62
C THR A 421 39.06 25.77 -12.35
N GLN A 422 38.13 26.70 -12.53
CA GLN A 422 37.53 27.41 -11.40
C GLN A 422 36.61 26.51 -10.57
N LYS A 423 36.42 25.28 -11.02
CA LYS A 423 35.55 24.30 -10.36
C LYS A 423 34.15 24.85 -10.10
N THR A 424 33.63 25.63 -11.05
CA THR A 424 32.25 26.09 -10.98
C THR A 424 31.36 25.15 -11.82
N TYR A 425 32.00 24.13 -12.40
CA TYR A 425 31.37 23.04 -13.15
C TYR A 425 29.97 23.30 -13.70
N ILE A 426 29.81 24.36 -14.48
CA ILE A 426 28.53 24.70 -15.07
C ILE A 426 28.19 23.77 -16.23
N VAL A 427 27.07 23.07 -16.13
CA VAL A 427 26.73 22.00 -17.07
C VAL A 427 26.11 22.52 -18.37
N HIS A 428 26.52 21.92 -19.49
CA HIS A 428 25.90 22.16 -20.81
C HIS A 428 25.56 20.80 -21.40
N CYS A 429 24.53 20.75 -22.24
CA CYS A 429 24.27 19.56 -23.04
C CYS A 429 25.25 19.52 -24.24
N HIS A 430 25.33 18.39 -24.94
CA HIS A 430 26.25 18.27 -26.06
C HIS A 430 25.95 19.25 -27.20
N ASP A 431 24.67 19.39 -27.54
CA ASP A 431 24.27 20.25 -28.67
C ASP A 431 24.62 21.72 -28.45
N CYS A 432 24.40 22.21 -27.24
CA CYS A 432 24.67 23.62 -26.95
C CYS A 432 26.17 23.90 -26.92
N ALA A 433 26.96 23.00 -26.35
CA ALA A 433 28.41 23.14 -26.35
C ALA A 433 28.96 23.14 -27.78
N ARG A 434 28.42 22.28 -28.63
CA ARG A 434 28.87 22.16 -30.02
C ARG A 434 28.46 23.37 -30.89
N LYS A 435 27.30 23.96 -30.59
CA LYS A 435 26.90 25.19 -31.25
C LYS A 435 27.86 26.35 -30.96
N THR A 436 28.50 26.31 -29.79
CA THR A 436 29.34 27.42 -29.35
C THR A 436 30.81 27.22 -29.69
N SER A 437 31.24 25.96 -29.70
CA SER A 437 32.63 25.57 -29.92
C SER A 437 32.61 24.37 -30.87
N LYS A 438 32.84 24.61 -32.15
CA LYS A 438 32.55 23.63 -33.19
C LYS A 438 33.24 22.27 -33.04
N SER A 439 34.45 22.25 -32.48
CA SER A 439 35.16 20.98 -32.23
C SER A 439 35.31 20.71 -30.74
N LEU A 440 34.49 21.37 -29.94
CA LEU A 440 34.49 21.26 -28.48
C LEU A 440 35.84 21.67 -27.87
N GLU A 441 36.64 22.45 -28.62
CA GLU A 441 37.96 22.79 -28.14
C GLU A 441 37.89 23.66 -26.89
N ASN A 442 36.75 24.31 -26.67
CA ASN A 442 36.54 25.12 -25.47
C ASN A 442 35.94 24.37 -24.27
N PHE A 443 35.73 23.06 -24.43
CA PHE A 443 35.04 22.26 -23.40
C PHE A 443 35.81 21.03 -22.93
N VAL A 444 35.55 20.63 -21.68
CA VAL A 444 35.95 19.31 -21.18
C VAL A 444 34.71 18.41 -21.07
N VAL A 445 34.91 17.11 -21.27
CA VAL A 445 33.81 16.16 -21.12
C VAL A 445 33.95 15.37 -19.80
N LEU A 446 32.98 15.52 -18.92
CA LEU A 446 33.00 14.85 -17.63
C LEU A 446 32.08 13.62 -17.61
N GLU A 447 32.60 12.51 -17.11
CA GLU A 447 31.80 11.27 -16.97
C GLU A 447 31.51 10.96 -15.52
N GLN A 448 30.21 10.80 -15.20
CA GLN A 448 29.79 10.57 -13.82
C GLN A 448 29.61 9.09 -13.48
N TYR A 449 29.19 8.31 -14.47
CA TYR A 449 28.89 6.91 -14.25
C TYR A 449 29.73 6.01 -15.15
N LYS A 450 30.41 5.10 -14.49
CA LYS A 450 31.07 4.01 -15.16
C LYS A 450 30.07 3.27 -16.05
N MET A 451 30.47 2.96 -17.28
N MET A 451 30.48 2.98 -17.28
CA MET A 451 29.59 2.30 -18.23
CA MET A 451 29.64 2.29 -18.25
C MET A 451 29.13 0.91 -17.75
C MET A 451 29.14 0.93 -17.74
N GLU A 452 30.02 0.20 -17.06
CA GLU A 452 29.71 -1.15 -16.59
C GLU A 452 28.71 -1.13 -15.43
N ASP A 453 28.73 -0.05 -14.64
CA ASP A 453 27.70 0.21 -13.64
C ASP A 453 26.34 0.23 -14.24
N LEU A 454 26.15 1.13 -15.20
CA LEU A 454 24.85 1.28 -15.86
C LEU A 454 24.38 -0.04 -16.47
N ILE A 455 25.27 -0.75 -17.14
CA ILE A 455 24.95 -2.05 -17.73
C ILE A 455 24.52 -3.04 -16.64
N GLN A 456 25.24 -3.02 -15.51
CA GLN A 456 24.89 -3.87 -14.37
C GLN A 456 23.48 -3.59 -13.84
N VAL A 457 23.20 -2.31 -13.58
CA VAL A 457 21.91 -1.90 -13.06
C VAL A 457 20.80 -2.38 -14.00
N TYR A 458 21.01 -2.16 -15.29
CA TYR A 458 20.05 -2.65 -16.30
C TYR A 458 19.89 -4.17 -16.27
N ASP A 459 21.01 -4.91 -16.25
CA ASP A 459 20.92 -6.36 -16.33
C ASP A 459 20.29 -6.96 -15.10
N GLN A 460 20.53 -6.33 -13.96
CA GLN A 460 19.98 -6.75 -12.67
C GLN A 460 18.49 -6.54 -12.55
N PHE A 461 17.94 -5.70 -13.42
CA PHE A 461 16.55 -5.25 -13.27
C PHE A 461 15.63 -6.23 -13.99
N THR A 462 14.88 -7.04 -13.23
CA THR A 462 14.03 -8.06 -13.85
C THR A 462 12.60 -8.00 -13.30
N LEU A 463 11.68 -8.75 -13.91
CA LEU A 463 10.28 -8.69 -13.49
C LEU A 463 10.06 -9.42 -12.16
N ALA A 464 9.47 -8.74 -11.18
CA ALA A 464 9.12 -9.38 -9.93
C ALA A 464 7.81 -10.16 -10.06
N LEU A 465 7.67 -11.24 -9.29
CA LEU A 465 6.39 -11.93 -9.23
C LEU A 465 5.49 -11.39 -8.13
N SER A 466 4.31 -10.95 -8.51
CA SER A 466 3.23 -10.67 -7.57
C SER A 466 1.99 -11.45 -7.92
N LEU A 467 1.36 -12.08 -6.93
CA LEU A 467 0.14 -12.84 -7.19
C LEU A 467 -1.10 -11.94 -7.18
N SER A 468 -0.94 -10.72 -6.68
CA SER A 468 -2.00 -9.72 -6.64
C SER A 468 -2.38 -9.25 -8.05
N ASP B 5 -25.19 -1.38 20.81
CA ASP B 5 -24.70 -0.27 20.00
C ASP B 5 -23.84 -0.72 18.81
N LYS B 6 -23.82 0.08 17.75
CA LYS B 6 -23.11 -0.31 16.53
C LYS B 6 -21.59 -0.38 16.70
N LEU B 7 -21.06 0.23 17.76
CA LEU B 7 -19.64 0.10 18.06
C LEU B 7 -19.38 -1.03 19.07
N ASN B 8 -20.45 -1.53 19.66
N ASN B 8 -20.45 -1.55 19.65
CA ASN B 8 -20.40 -2.69 20.56
CA ASN B 8 -20.37 -2.69 20.55
C ASN B 8 -21.42 -3.74 20.16
C ASN B 8 -21.40 -3.74 20.16
N PRO B 9 -21.26 -4.33 18.95
CA PRO B 9 -22.29 -5.22 18.43
C PRO B 9 -22.32 -6.60 19.08
N PRO B 10 -23.46 -7.30 18.93
CA PRO B 10 -23.66 -8.69 19.36
C PRO B 10 -22.75 -9.65 18.61
N THR B 11 -22.29 -10.70 19.28
CA THR B 11 -21.41 -11.65 18.64
C THR B 11 -22.23 -12.72 17.90
N PRO B 12 -21.94 -12.96 16.62
CA PRO B 12 -22.63 -14.03 15.90
C PRO B 12 -22.50 -15.34 16.67
N SER B 13 -23.63 -15.95 17.07
CA SER B 13 -23.63 -17.11 17.97
C SER B 13 -24.51 -18.26 17.53
N ILE B 14 -24.12 -19.46 17.93
CA ILE B 14 -24.89 -20.67 17.64
C ILE B 14 -25.06 -21.50 18.91
N TYR B 15 -26.31 -21.86 19.22
CA TYR B 15 -26.64 -22.51 20.47
C TYR B 15 -26.90 -24.01 20.27
N LEU B 16 -25.94 -24.85 20.63
CA LEU B 16 -26.07 -26.30 20.41
C LEU B 16 -26.74 -27.00 21.58
N GLU B 17 -27.65 -27.94 21.26
CA GLU B 17 -28.33 -28.72 22.28
C GLU B 17 -27.87 -30.18 22.24
N ASN B 18 -27.89 -30.79 21.06
CA ASN B 18 -27.44 -32.18 20.91
C ASN B 18 -26.61 -32.40 19.65
N LYS B 19 -26.05 -33.60 19.52
CA LYS B 19 -25.08 -33.93 18.48
C LYS B 19 -25.56 -33.61 17.07
N ARG B 20 -26.85 -33.81 16.82
CA ARG B 20 -27.41 -33.62 15.49
C ARG B 20 -27.25 -32.17 15.05
N ASP B 21 -27.30 -31.25 16.00
CA ASP B 21 -27.17 -29.83 15.71
C ASP B 21 -25.79 -29.47 15.14
N ALA B 22 -24.74 -30.07 15.71
CA ALA B 22 -23.37 -29.76 15.32
C ALA B 22 -23.05 -30.19 13.88
N PHE B 23 -23.90 -31.02 13.31
CA PHE B 23 -23.63 -31.49 11.95
C PHE B 23 -24.60 -30.92 10.93
N PHE B 24 -25.48 -30.01 11.39
CA PHE B 24 -26.35 -29.27 10.48
C PHE B 24 -25.51 -28.40 9.54
N PRO B 25 -25.55 -28.70 8.23
CA PRO B 25 -24.77 -28.01 7.19
C PRO B 25 -24.88 -26.47 7.16
N PRO B 26 -26.03 -25.87 7.51
CA PRO B 26 -25.99 -24.40 7.59
C PRO B 26 -25.03 -23.85 8.63
N LEU B 27 -24.54 -24.69 9.54
CA LEU B 27 -23.55 -24.30 10.54
C LEU B 27 -22.23 -23.92 9.87
N HIS B 28 -21.81 -24.76 8.92
CA HIS B 28 -20.63 -24.54 8.10
C HIS B 28 -20.70 -23.24 7.28
N GLN B 29 -21.84 -23.00 6.64
CA GLN B 29 -22.06 -21.82 5.83
C GLN B 29 -22.13 -20.55 6.67
N PHE B 30 -22.70 -20.67 7.87
CA PHE B 30 -22.74 -19.54 8.78
C PHE B 30 -21.32 -19.09 9.18
N CYS B 31 -20.46 -20.05 9.53
CA CYS B 31 -19.09 -19.73 9.98
C CYS B 31 -18.23 -19.07 8.87
N THR B 32 -18.37 -19.55 7.64
CA THR B 32 -17.56 -19.08 6.51
C THR B 32 -18.12 -17.84 5.80
N ASN B 33 -19.34 -17.43 6.14
CA ASN B 33 -19.94 -16.20 5.60
C ASN B 33 -19.09 -14.96 5.96
N PRO B 34 -18.58 -14.23 4.95
CA PRO B 34 -17.72 -13.08 5.24
C PRO B 34 -18.38 -12.00 6.07
N LYS B 35 -19.70 -12.01 6.20
CA LYS B 35 -20.37 -10.99 7.01
C LYS B 35 -20.21 -11.22 8.51
N ASN B 36 -19.84 -12.45 8.88
CA ASN B 36 -19.62 -12.80 10.30
C ASN B 36 -18.12 -12.82 10.63
N PRO B 37 -17.59 -11.76 11.27
CA PRO B 37 -16.14 -11.76 11.52
C PRO B 37 -15.68 -12.88 12.47
N VAL B 38 -16.56 -13.32 13.38
CA VAL B 38 -16.27 -14.40 14.34
C VAL B 38 -17.60 -15.08 14.64
N THR B 39 -17.55 -16.38 14.93
CA THR B 39 -18.72 -17.14 15.35
C THR B 39 -18.39 -17.95 16.60
N VAL B 40 -19.25 -17.91 17.61
CA VAL B 40 -19.00 -18.74 18.78
C VAL B 40 -20.05 -19.82 18.83
N ILE B 41 -19.57 -21.07 18.79
CA ILE B 41 -20.46 -22.22 18.87
C ILE B 41 -20.55 -22.68 20.33
N ARG B 42 -21.64 -22.31 20.97
CA ARG B 42 -21.87 -22.59 22.38
C ARG B 42 -22.20 -24.05 22.64
N GLY B 43 -21.60 -24.64 23.67
CA GLY B 43 -21.89 -26.01 24.05
C GLY B 43 -21.39 -27.08 23.09
N LEU B 44 -20.39 -26.74 22.28
CA LEU B 44 -19.86 -27.66 21.27
C LEU B 44 -19.37 -29.00 21.83
N ALA B 45 -18.49 -28.96 22.82
CA ALA B 45 -17.91 -30.19 23.38
C ALA B 45 -18.97 -31.09 24.01
N GLY B 46 -19.88 -30.48 24.76
CA GLY B 46 -20.95 -31.22 25.41
C GLY B 46 -21.87 -31.93 24.43
N ALA B 47 -22.20 -31.23 23.35
CA ALA B 47 -23.06 -31.77 22.30
C ALA B 47 -22.45 -32.99 21.59
N LEU B 48 -21.12 -33.00 21.46
CA LEU B 48 -20.43 -34.09 20.79
C LEU B 48 -19.93 -35.13 21.78
N LYS B 49 -20.10 -34.85 23.06
CA LYS B 49 -19.53 -35.67 24.11
C LYS B 49 -18.01 -35.80 23.94
N LEU B 50 -17.35 -34.67 23.67
CA LEU B 50 -15.89 -34.63 23.62
C LEU B 50 -15.32 -34.68 25.03
N ASP B 51 -14.35 -35.57 25.25
CA ASP B 51 -13.69 -35.66 26.56
C ASP B 51 -12.58 -34.62 26.71
N LEU B 52 -12.94 -33.47 27.28
CA LEU B 52 -11.98 -32.38 27.50
C LEU B 52 -10.94 -32.76 28.56
N GLY B 53 -11.20 -33.84 29.29
CA GLY B 53 -10.29 -34.32 30.30
C GLY B 53 -8.98 -34.79 29.70
N LEU B 54 -9.00 -35.17 28.43
CA LEU B 54 -7.77 -35.58 27.75
C LEU B 54 -6.77 -34.43 27.58
N PHE B 55 -7.23 -33.19 27.82
CA PHE B 55 -6.38 -32.02 27.68
C PHE B 55 -6.23 -31.31 29.03
N SER B 56 -6.64 -31.97 30.12
CA SER B 56 -6.44 -31.35 31.42
C SER B 56 -4.96 -31.36 31.75
N THR B 57 -4.53 -30.44 32.60
CA THR B 57 -3.14 -30.33 32.97
C THR B 57 -2.62 -31.64 33.59
N LYS B 58 -3.44 -32.27 34.42
CA LYS B 58 -3.12 -33.56 35.02
C LYS B 58 -2.80 -34.61 33.96
N THR B 59 -3.66 -34.70 32.96
CA THR B 59 -3.49 -35.69 31.89
C THR B 59 -2.25 -35.38 31.00
N LEU B 60 -1.97 -34.10 30.77
CA LEU B 60 -0.81 -33.69 29.95
C LEU B 60 0.51 -34.04 30.63
N VAL B 61 0.61 -33.73 31.92
CA VAL B 61 1.80 -34.04 32.71
C VAL B 61 2.10 -35.55 32.71
N GLU B 62 1.06 -36.37 32.80
CA GLU B 62 1.24 -37.82 32.78
C GLU B 62 1.77 -38.29 31.42
N ALA B 63 1.26 -37.70 30.34
CA ALA B 63 1.62 -38.15 28.99
C ALA B 63 3.04 -37.80 28.59
N ASN B 64 3.44 -36.54 28.81
CA ASN B 64 4.74 -36.05 28.37
C ASN B 64 5.24 -34.94 29.26
N ASN B 65 5.68 -35.28 30.48
CA ASN B 65 6.05 -34.28 31.47
C ASN B 65 7.23 -33.38 31.09
N GLU B 66 8.08 -33.83 30.18
CA GLU B 66 9.25 -32.98 29.85
C GLU B 66 9.03 -32.11 28.62
N HIS B 67 7.81 -32.11 28.10
CA HIS B 67 7.50 -31.42 26.84
C HIS B 67 7.76 -29.92 26.93
N MET B 68 8.29 -29.33 25.87
N MET B 68 8.29 -29.33 25.86
CA MET B 68 8.67 -27.92 25.89
CA MET B 68 8.65 -27.93 25.84
C MET B 68 7.47 -26.98 25.89
C MET B 68 7.44 -26.98 25.91
N VAL B 69 7.56 -25.93 26.71
CA VAL B 69 6.54 -24.90 26.80
C VAL B 69 7.21 -23.53 26.64
N GLU B 70 6.70 -22.68 25.74
CA GLU B 70 7.21 -21.32 25.60
C GLU B 70 6.54 -20.41 26.61
N VAL B 71 7.31 -19.71 27.43
CA VAL B 71 6.70 -18.92 28.47
C VAL B 71 6.81 -17.42 28.24
N ARG B 72 5.68 -16.74 28.35
N ARG B 72 5.69 -16.72 28.35
CA ARG B 72 5.63 -15.28 28.32
CA ARG B 72 5.68 -15.27 28.29
C ARG B 72 5.41 -14.75 29.73
C ARG B 72 5.39 -14.70 29.68
N THR B 73 6.31 -13.88 30.18
CA THR B 73 6.16 -13.24 31.47
C THR B 73 5.56 -11.86 31.25
N GLN B 74 4.40 -11.62 31.87
CA GLN B 74 3.62 -10.42 31.61
C GLN B 74 3.23 -9.70 32.90
N LEU B 75 2.70 -8.48 32.78
CA LEU B 75 2.12 -7.80 33.92
C LEU B 75 0.63 -8.12 34.04
N LEU B 76 0.13 -8.24 35.26
CA LEU B 76 -1.30 -8.46 35.49
C LEU B 76 -2.07 -7.15 35.40
N GLN B 77 -2.84 -6.98 34.32
CA GLN B 77 -3.48 -5.68 34.04
C GLN B 77 -4.95 -5.71 34.40
N PRO B 78 -5.49 -4.57 34.84
CA PRO B 78 -6.89 -4.49 35.26
C PRO B 78 -7.88 -4.59 34.10
N ALA B 79 -8.88 -5.45 34.24
CA ALA B 79 -10.02 -5.48 33.34
C ALA B 79 -9.56 -5.58 31.88
N ASP B 80 -9.93 -4.57 31.08
CA ASP B 80 -9.64 -4.58 29.64
C ASP B 80 -8.62 -3.54 29.22
N GLU B 81 -7.87 -3.02 30.20
CA GLU B 81 -6.92 -1.93 29.96
C GLU B 81 -5.48 -2.40 29.84
N ASN B 82 -4.61 -1.52 29.36
CA ASN B 82 -3.16 -1.73 29.43
C ASN B 82 -2.46 -0.46 29.85
N TRP B 83 -1.73 -0.51 30.96
CA TRP B 83 -1.02 0.66 31.48
C TRP B 83 0.49 0.53 31.30
N ASP B 84 1.18 1.65 31.20
CA ASP B 84 2.65 1.60 31.15
C ASP B 84 3.13 1.06 32.49
N PRO B 85 4.38 0.54 32.56
CA PRO B 85 4.88 -0.02 33.81
C PRO B 85 4.68 0.88 35.04
N THR B 86 4.89 2.18 34.89
CA THR B 86 4.77 3.11 36.02
C THR B 86 3.32 3.36 36.40
N GLY B 87 2.39 2.86 35.58
CA GLY B 87 0.98 2.97 35.88
C GLY B 87 0.44 4.39 35.77
N THR B 88 1.06 5.18 34.90
CA THR B 88 0.68 6.58 34.73
C THR B 88 -0.38 6.78 33.67
N LYS B 89 -0.20 6.15 32.51
CA LYS B 89 -1.16 6.30 31.41
C LYS B 89 -1.43 5.00 30.67
N LYS B 90 -2.58 4.94 30.00
CA LYS B 90 -2.89 3.82 29.14
C LYS B 90 -2.17 3.96 27.79
N ILE B 91 -1.48 2.89 27.38
CA ILE B 91 -0.74 2.84 26.11
C ILE B 91 -0.99 1.47 25.46
N TRP B 92 -0.64 1.34 24.18
CA TRP B 92 -0.88 0.10 23.43
C TRP B 92 0.24 -0.94 23.62
N ARG B 93 1.49 -0.48 23.65
CA ARG B 93 2.63 -1.38 23.77
C ARG B 93 2.62 -2.21 25.05
N CYS B 94 2.75 -3.53 24.93
CA CYS B 94 2.79 -4.33 26.17
C CYS B 94 3.99 -5.28 26.25
N GLU B 95 4.75 -5.12 27.33
CA GLU B 95 6.00 -5.87 27.55
C GLU B 95 5.77 -7.35 27.74
N SER B 96 6.65 -8.17 27.16
CA SER B 96 6.54 -9.62 27.30
C SER B 96 7.86 -10.38 27.05
N ASN B 97 8.62 -10.62 28.12
CA ASN B 97 9.82 -11.43 28.05
C ASN B 97 9.53 -12.90 27.70
N ARG B 98 10.30 -13.46 26.76
CA ARG B 98 10.20 -14.87 26.39
C ARG B 98 11.22 -15.74 27.12
N SER B 99 10.80 -16.93 27.56
CA SER B 99 11.69 -17.99 28.02
C SER B 99 11.06 -19.35 27.75
N HIS B 100 11.70 -20.43 28.23
CA HIS B 100 11.17 -21.78 28.04
C HIS B 100 11.11 -22.59 29.34
N THR B 101 10.16 -23.52 29.41
CA THR B 101 10.03 -24.38 30.58
C THR B 101 9.48 -25.73 30.11
N THR B 102 9.08 -26.58 31.07
CA THR B 102 8.46 -27.86 30.74
C THR B 102 6.99 -27.89 31.17
N ILE B 103 6.22 -28.81 30.63
CA ILE B 103 4.83 -28.99 31.07
C ILE B 103 4.74 -29.21 32.59
N ALA B 104 5.56 -30.14 33.10
CA ALA B 104 5.59 -30.46 34.52
C ALA B 104 5.81 -29.20 35.35
N LYS B 105 6.75 -28.38 34.91
CA LYS B 105 7.12 -27.20 35.69
C LYS B 105 6.05 -26.09 35.58
N TYR B 106 5.45 -25.89 34.41
CA TYR B 106 4.41 -24.86 34.31
C TYR B 106 3.18 -25.30 35.12
N ALA B 107 2.86 -26.58 35.05
CA ALA B 107 1.74 -27.18 35.80
C ALA B 107 1.80 -26.84 37.28
N GLN B 108 3.01 -26.95 37.85
CA GLN B 108 3.24 -26.67 39.25
C GLN B 108 2.94 -25.21 39.57
N TYR B 109 3.32 -24.32 38.65
CA TYR B 109 3.03 -22.89 38.79
C TYR B 109 1.53 -22.65 38.71
N GLN B 110 0.88 -23.33 37.76
CA GLN B 110 -0.54 -23.14 37.54
C GLN B 110 -1.35 -23.54 38.78
N ALA B 111 -1.07 -24.74 39.31
CA ALA B 111 -1.78 -25.25 40.48
C ALA B 111 -1.52 -24.40 41.73
N SER B 112 -0.29 -23.94 41.92
CA SER B 112 0.00 -23.15 43.14
C SER B 112 -0.47 -21.70 43.05
N SER B 113 -0.54 -21.18 41.83
CA SER B 113 -1.21 -19.89 41.58
C SER B 113 -2.66 -19.87 42.16
N PHE B 114 -3.39 -20.93 41.84
CA PHE B 114 -4.78 -21.10 42.26
C PHE B 114 -4.90 -21.19 43.77
N GLN B 115 -3.98 -21.96 44.33
CA GLN B 115 -3.91 -22.28 45.75
C GLN B 115 -3.60 -21.01 46.54
N GLU B 116 -2.68 -20.19 46.04
CA GLU B 116 -2.39 -18.88 46.67
C GLU B 116 -3.59 -17.91 46.65
N SER B 117 -4.35 -17.93 45.56
N SER B 117 -4.35 -17.93 45.56
CA SER B 117 -5.52 -17.05 45.44
CA SER B 117 -5.52 -17.05 45.45
C SER B 117 -6.65 -17.51 46.35
C SER B 117 -6.64 -17.51 46.36
N LEU B 118 -6.75 -18.82 46.55
CA LEU B 118 -7.73 -19.39 47.47
C LEU B 118 -7.46 -18.88 48.88
N ARG B 119 -6.20 -18.87 49.27
CA ARG B 119 -5.80 -18.37 50.59
C ARG B 119 -6.02 -16.87 50.74
N GLU B 120 -5.74 -16.11 49.69
CA GLU B 120 -6.02 -14.66 49.70
C GLU B 120 -7.50 -14.37 49.87
N GLU B 121 -8.33 -15.12 49.13
CA GLU B 121 -9.77 -15.03 49.24
C GLU B 121 -10.22 -15.23 50.69
N ASN B 122 -9.62 -16.21 51.35
CA ASN B 122 -10.07 -16.62 52.67
C ASN B 122 -9.57 -15.74 53.83
N GLU B 123 -8.41 -15.09 53.64
CA GLU B 123 -7.75 -14.40 54.75
C GLU B 123 -7.63 -12.89 54.59
N PRO B 149 0.78 -1.05 42.24
CA PRO B 149 1.84 -1.95 41.78
C PRO B 149 1.28 -3.16 41.03
N PHE B 150 1.96 -3.57 39.95
CA PHE B 150 1.47 -4.66 39.12
C PHE B 150 2.15 -5.98 39.44
N LYS B 151 1.33 -6.99 39.72
CA LYS B 151 1.79 -8.36 39.91
C LYS B 151 2.35 -8.90 38.59
N THR B 152 3.24 -9.87 38.67
CA THR B 152 3.79 -10.52 37.49
C THR B 152 3.18 -11.90 37.32
N ILE B 153 2.85 -12.29 36.09
CA ILE B 153 2.32 -13.63 35.84
C ILE B 153 3.03 -14.31 34.70
N LYS B 154 2.77 -15.61 34.52
CA LYS B 154 3.39 -16.36 33.45
C LYS B 154 2.34 -17.14 32.66
N PHE B 155 2.50 -17.08 31.34
CA PHE B 155 1.55 -17.62 30.36
C PHE B 155 2.30 -18.69 29.55
N GLY B 156 1.75 -19.89 29.50
CA GLY B 156 2.33 -20.99 28.76
C GLY B 156 1.72 -21.10 27.37
N THR B 157 2.52 -20.87 26.34
N THR B 157 2.52 -20.90 26.33
CA THR B 157 2.02 -20.76 24.97
CA THR B 157 1.96 -20.77 25.00
C THR B 157 2.71 -21.72 24.02
C THR B 157 2.76 -21.57 23.98
N ASN B 158 2.14 -21.81 22.82
CA ASN B 158 2.76 -22.49 21.69
C ASN B 158 3.28 -23.89 21.98
N ILE B 159 2.47 -24.69 22.66
CA ILE B 159 2.86 -26.05 22.99
C ILE B 159 2.50 -26.96 21.83
N ASP B 160 3.52 -27.61 21.29
CA ASP B 160 3.43 -28.34 20.03
C ASP B 160 2.90 -29.78 20.20
N LEU B 161 1.68 -29.99 19.74
CA LEU B 161 1.05 -31.30 19.83
C LEU B 161 1.00 -32.00 18.48
N SER B 162 2.03 -31.80 17.66
CA SER B 162 2.05 -32.43 16.33
C SER B 162 2.33 -33.93 16.33
N ASP B 163 3.02 -34.44 17.35
CA ASP B 163 3.49 -35.83 17.32
C ASP B 163 2.39 -36.83 17.67
N ASN B 164 2.00 -37.65 16.68
CA ASN B 164 0.88 -38.56 16.79
C ASN B 164 1.12 -39.72 17.75
N LYS B 165 2.37 -40.11 17.95
CA LYS B 165 2.64 -41.18 18.90
C LYS B 165 2.59 -40.65 20.33
N LYS B 166 3.08 -39.43 20.53
CA LYS B 166 3.06 -38.81 21.86
C LYS B 166 1.66 -38.39 22.33
N TRP B 167 0.77 -38.07 21.38
CA TRP B 167 -0.54 -37.53 21.73
C TRP B 167 -1.65 -38.25 20.98
N LYS B 168 -1.52 -39.58 20.89
CA LYS B 168 -2.44 -40.40 20.09
C LYS B 168 -3.90 -40.19 20.46
N LEU B 169 -4.20 -40.25 21.75
CA LEU B 169 -5.57 -40.17 22.22
C LEU B 169 -6.14 -38.75 22.11
N GLN B 170 -5.28 -37.75 22.33
CA GLN B 170 -5.70 -36.36 22.24
C GLN B 170 -6.16 -36.06 20.82
N LEU B 171 -5.33 -36.43 19.84
CA LEU B 171 -5.60 -36.09 18.45
C LEU B 171 -6.79 -36.87 17.90
N HIS B 172 -6.91 -38.14 18.30
CA HIS B 172 -8.05 -38.96 17.89
C HIS B 172 -9.39 -38.35 18.30
N GLU B 173 -9.42 -37.76 19.49
CA GLU B 173 -10.64 -37.16 20.02
C GLU B 173 -11.15 -36.04 19.10
N LEU B 174 -10.23 -35.30 18.48
CA LEU B 174 -10.59 -34.17 17.62
C LEU B 174 -11.11 -34.60 16.23
N THR B 175 -11.03 -35.90 15.93
CA THR B 175 -11.60 -36.42 14.69
C THR B 175 -13.14 -36.47 14.78
N LYS B 176 -13.65 -36.31 15.99
CA LYS B 176 -15.08 -36.29 16.24
C LYS B 176 -15.73 -34.97 15.86
N LEU B 177 -14.93 -33.99 15.42
CA LEU B 177 -15.47 -32.69 15.06
C LEU B 177 -16.10 -32.75 13.67
N PRO B 178 -17.08 -31.89 13.40
CA PRO B 178 -17.58 -31.79 12.03
C PRO B 178 -16.44 -31.48 11.05
N ALA B 179 -16.53 -32.00 9.82
CA ALA B 179 -15.42 -31.95 8.86
C ALA B 179 -14.82 -30.56 8.61
N PHE B 180 -15.66 -29.54 8.44
CA PHE B 180 -15.18 -28.19 8.13
C PHE B 180 -14.26 -27.63 9.22
N ALA B 181 -14.38 -28.14 10.44
CA ALA B 181 -13.57 -27.60 11.53
C ALA B 181 -12.34 -28.46 11.92
N ARG B 182 -12.09 -29.56 11.23
CA ARG B 182 -10.99 -30.48 11.61
C ARG B 182 -9.61 -30.01 11.17
N VAL B 183 -8.58 -30.50 11.88
CA VAL B 183 -7.18 -30.20 11.55
C VAL B 183 -6.84 -30.69 10.16
N VAL B 184 -7.42 -31.83 9.79
CA VAL B 184 -7.19 -32.45 8.49
C VAL B 184 -8.53 -32.68 7.81
N SER B 185 -8.69 -32.19 6.57
CA SER B 185 -9.87 -32.54 5.77
C SER B 185 -9.69 -32.19 4.29
N ALA B 186 -10.49 -32.82 3.45
CA ALA B 186 -10.35 -32.66 2.01
C ALA B 186 -10.72 -31.23 1.57
N GLY B 187 -11.50 -30.54 2.39
CA GLY B 187 -11.94 -29.18 2.06
C GLY B 187 -11.12 -28.08 2.70
N ASN B 188 -9.99 -28.47 3.29
CA ASN B 188 -9.09 -27.55 3.98
C ASN B 188 -7.82 -27.29 3.16
N LEU B 189 -7.69 -26.07 2.63
CA LEU B 189 -6.51 -25.67 1.84
C LEU B 189 -5.19 -26.05 2.50
N LEU B 190 -5.14 -25.97 3.82
CA LEU B 190 -3.89 -26.28 4.50
C LEU B 190 -3.55 -27.77 4.47
N THR B 191 -4.54 -28.60 4.16
CA THR B 191 -4.30 -30.03 3.98
C THR B 191 -3.72 -30.27 2.58
N HIS B 192 -4.00 -29.35 1.67
CA HIS B 192 -3.45 -29.45 0.31
C HIS B 192 -2.08 -28.83 0.16
N VAL B 193 -1.53 -28.25 1.24
CA VAL B 193 -0.16 -27.75 1.21
C VAL B 193 0.81 -28.91 0.97
N GLY B 194 0.51 -30.05 1.60
CA GLY B 194 1.25 -31.28 1.33
C GLY B 194 2.38 -31.53 2.31
N HIS B 195 2.64 -30.58 3.20
CA HIS B 195 3.65 -30.79 4.23
C HIS B 195 3.33 -30.00 5.50
N THR B 196 4.08 -30.26 6.55
CA THR B 196 3.74 -29.72 7.85
C THR B 196 4.05 -28.23 7.98
N ILE B 197 3.05 -27.46 8.41
CA ILE B 197 3.26 -26.07 8.82
C ILE B 197 2.90 -26.00 10.30
N LEU B 198 3.93 -25.97 11.14
CA LEU B 198 3.73 -26.17 12.56
C LEU B 198 2.80 -25.14 13.20
N GLY B 199 1.77 -25.62 13.90
CA GLY B 199 0.81 -24.73 14.51
C GLY B 199 -0.31 -24.26 13.59
N MET B 200 -0.20 -24.57 12.30
CA MET B 200 -1.26 -24.22 11.36
C MET B 200 -2.06 -25.47 10.98
N ASN B 201 -1.40 -26.44 10.36
CA ASN B 201 -2.08 -27.73 10.13
C ASN B 201 -1.65 -28.77 11.16
N THR B 202 -1.18 -28.32 12.32
CA THR B 202 -1.00 -29.16 13.51
C THR B 202 -1.46 -28.40 14.75
N VAL B 203 -1.87 -29.12 15.79
CA VAL B 203 -2.45 -28.50 16.99
C VAL B 203 -1.45 -27.80 17.90
N GLN B 204 -1.86 -26.62 18.38
CA GLN B 204 -1.17 -25.90 19.46
C GLN B 204 -1.98 -25.94 20.76
N LEU B 205 -1.28 -26.04 21.89
CA LEU B 205 -1.93 -25.98 23.20
C LEU B 205 -1.40 -24.78 24.02
N TYR B 206 -2.27 -24.24 24.89
CA TYR B 206 -1.94 -23.11 25.76
C TYR B 206 -2.33 -23.45 27.20
N MET B 207 -1.51 -23.06 28.18
CA MET B 207 -1.85 -23.29 29.59
C MET B 207 -1.83 -21.95 30.27
N LYS B 208 -2.91 -21.60 30.97
CA LYS B 208 -3.04 -20.21 31.45
C LYS B 208 -3.36 -20.04 32.93
N VAL B 209 -3.00 -18.87 33.45
CA VAL B 209 -3.50 -18.32 34.72
C VAL B 209 -4.23 -17.01 34.43
N PRO B 210 -5.12 -16.56 35.34
CA PRO B 210 -5.83 -15.29 35.14
C PRO B 210 -4.90 -14.16 34.73
N GLY B 211 -5.29 -13.40 33.72
CA GLY B 211 -4.45 -12.32 33.20
C GLY B 211 -3.56 -12.69 32.01
N SER B 212 -3.50 -13.98 31.64
CA SER B 212 -2.66 -14.42 30.52
C SER B 212 -3.18 -13.89 29.17
N ARG B 213 -2.39 -13.02 28.51
CA ARG B 213 -2.87 -12.33 27.30
C ARG B 213 -2.18 -12.71 25.99
N THR B 214 -3.02 -12.88 24.96
CA THR B 214 -2.57 -12.95 23.57
C THR B 214 -2.83 -11.58 22.93
N PRO B 215 -1.76 -10.88 22.51
CA PRO B 215 -1.88 -9.50 22.03
C PRO B 215 -2.54 -9.41 20.64
N GLY B 216 -2.81 -8.19 20.16
CA GLY B 216 -3.55 -8.05 18.89
C GLY B 216 -2.82 -8.59 17.68
N HIS B 217 -3.54 -9.30 16.82
CA HIS B 217 -2.90 -9.83 15.64
C HIS B 217 -3.94 -10.30 14.66
N GLN B 218 -3.44 -10.59 13.46
CA GLN B 218 -4.16 -11.38 12.46
C GLN B 218 -3.45 -12.74 12.31
N GLU B 219 -4.19 -13.79 11.90
CA GLU B 219 -3.58 -15.10 11.71
C GLU B 219 -2.51 -15.05 10.59
N ASN B 220 -1.57 -16.00 10.62
CA ASN B 220 -0.61 -16.20 9.53
C ASN B 220 -1.31 -16.27 8.16
N ASN B 221 -0.89 -15.41 7.23
CA ASN B 221 -1.51 -15.31 5.89
C ASN B 221 -3.05 -15.26 5.89
N ASN B 222 -3.63 -14.68 6.94
CA ASN B 222 -5.08 -14.47 7.07
C ASN B 222 -5.97 -15.73 7.02
N PHE B 223 -5.43 -16.90 7.36
CA PHE B 223 -6.22 -18.13 7.46
C PHE B 223 -7.14 -18.14 8.67
N CYS B 224 -8.29 -18.81 8.54
CA CYS B 224 -9.20 -18.92 9.68
C CYS B 224 -8.56 -19.63 10.89
N SER B 225 -9.17 -19.49 12.06
CA SER B 225 -8.65 -20.14 13.26
C SER B 225 -9.78 -20.84 14.01
N VAL B 226 -9.46 -22.00 14.60
CA VAL B 226 -10.39 -22.76 15.48
C VAL B 226 -9.79 -22.83 16.88
N ASN B 227 -10.57 -22.50 17.92
CA ASN B 227 -10.11 -22.51 19.30
C ASN B 227 -11.17 -23.13 20.21
N ILE B 228 -10.79 -24.14 20.99
CA ILE B 228 -11.69 -24.72 22.01
C ILE B 228 -11.15 -24.44 23.42
N ASN B 229 -12.01 -23.94 24.30
CA ASN B 229 -11.59 -23.73 25.70
C ASN B 229 -11.75 -25.04 26.53
N ILE B 230 -10.66 -25.53 27.13
CA ILE B 230 -10.71 -26.81 27.88
C ILE B 230 -11.31 -26.62 29.28
N GLY B 231 -11.20 -25.39 29.82
CA GLY B 231 -11.69 -25.07 31.14
C GLY B 231 -10.63 -25.32 32.21
N PRO B 232 -11.00 -25.25 33.49
CA PRO B 232 -12.36 -24.99 34.00
C PRO B 232 -12.76 -23.52 33.99
N GLY B 233 -11.82 -22.62 33.71
CA GLY B 233 -12.10 -21.19 33.70
C GLY B 233 -12.50 -20.63 32.34
N ASP B 234 -12.86 -19.35 32.29
CA ASP B 234 -13.32 -18.68 31.06
C ASP B 234 -12.23 -17.83 30.41
N CYS B 235 -12.37 -17.59 29.11
CA CYS B 235 -11.56 -16.58 28.40
C CYS B 235 -12.43 -15.43 27.89
N GLU B 236 -11.84 -14.25 27.76
CA GLU B 236 -12.53 -13.07 27.23
C GLU B 236 -11.90 -12.67 25.91
N TRP B 237 -12.70 -12.61 24.85
CA TRP B 237 -12.22 -12.30 23.50
C TRP B 237 -12.63 -10.90 23.01
N PHE B 238 -11.74 -10.28 22.21
CA PHE B 238 -12.00 -8.96 21.60
C PHE B 238 -11.75 -9.08 20.09
N VAL B 239 -12.70 -8.64 19.28
CA VAL B 239 -12.66 -8.88 17.84
C VAL B 239 -13.02 -7.63 17.01
N VAL B 240 -12.23 -7.37 15.97
CA VAL B 240 -12.45 -6.28 15.00
C VAL B 240 -12.47 -6.87 13.58
N PRO B 241 -13.48 -6.51 12.75
CA PRO B 241 -13.55 -7.10 11.40
C PRO B 241 -12.37 -6.74 10.50
N GLU B 242 -12.10 -7.61 9.54
CA GLU B 242 -10.91 -7.48 8.68
C GLU B 242 -10.78 -6.11 7.99
N ASP B 243 -11.91 -5.51 7.58
CA ASP B 243 -11.81 -4.31 6.74
C ASP B 243 -11.43 -3.06 7.55
N TYR B 244 -11.34 -3.18 8.88
CA TYR B 244 -10.77 -2.09 9.70
C TYR B 244 -9.28 -2.24 9.98
N TRP B 245 -8.63 -3.24 9.39
CA TRP B 245 -7.25 -3.50 9.81
C TRP B 245 -6.35 -2.31 9.45
N GLY B 246 -6.69 -1.58 8.40
CA GLY B 246 -5.90 -0.41 8.00
C GLY B 246 -5.90 0.70 9.06
N VAL B 247 -6.99 0.83 9.80
CA VAL B 247 -7.10 1.83 10.87
C VAL B 247 -6.18 1.47 12.04
N LEU B 248 -6.13 0.19 12.41
CA LEU B 248 -5.26 -0.22 13.51
C LEU B 248 -3.81 -0.16 13.07
N ASN B 249 -3.55 -0.53 11.82
CA ASN B 249 -2.21 -0.37 11.27
C ASN B 249 -1.78 1.10 11.28
N ASP B 250 -2.71 1.99 10.95
CA ASP B 250 -2.40 3.42 11.00
C ASP B 250 -2.04 3.88 12.43
N PHE B 251 -2.80 3.44 13.44
CA PHE B 251 -2.44 3.80 14.83
C PHE B 251 -1.03 3.32 15.19
N CYS B 252 -0.74 2.06 14.89
CA CYS B 252 0.59 1.51 15.15
C CYS B 252 1.68 2.39 14.53
N GLU B 253 1.49 2.75 13.27
CA GLU B 253 2.51 3.48 12.52
C GLU B 253 2.76 4.86 13.12
N LYS B 254 1.72 5.44 13.71
CA LYS B 254 1.84 6.78 14.28
C LYS B 254 2.24 6.74 15.76
N ASN B 255 2.41 5.55 16.32
CA ASN B 255 2.80 5.43 17.72
C ASN B 255 3.98 4.48 17.90
N ASN B 256 4.83 4.41 16.89
CA ASN B 256 6.10 3.68 16.94
C ASN B 256 5.96 2.17 17.22
N LEU B 257 4.98 1.54 16.58
CA LEU B 257 4.77 0.11 16.74
C LEU B 257 4.73 -0.55 15.38
N ASN B 258 5.24 -1.78 15.30
CA ASN B 258 5.13 -2.58 14.09
C ASN B 258 3.89 -3.44 14.20
N PHE B 259 2.93 -3.23 13.30
CA PHE B 259 1.65 -3.93 13.37
C PHE B 259 1.85 -5.44 13.42
N LEU B 260 2.71 -5.95 12.54
CA LEU B 260 2.87 -7.39 12.39
C LEU B 260 3.84 -8.03 13.38
N MET B 261 4.75 -7.23 13.95
N MET B 261 4.75 -7.25 13.97
CA MET B 261 5.86 -7.72 14.76
CA MET B 261 5.84 -7.83 14.78
C MET B 261 5.68 -7.51 16.26
C MET B 261 5.97 -7.36 16.23
N SER B 262 5.26 -6.30 16.62
CA SER B 262 5.26 -5.86 18.02
C SER B 262 4.10 -6.45 18.83
N SER B 263 4.20 -6.39 20.15
CA SER B 263 3.11 -6.79 21.04
C SER B 263 2.31 -5.56 21.46
N TRP B 264 1.05 -5.51 21.05
CA TRP B 264 0.19 -4.38 21.44
C TRP B 264 -1.20 -4.84 21.88
N TRP B 265 -1.76 -4.10 22.84
CA TRP B 265 -3.09 -4.31 23.43
C TRP B 265 -3.89 -3.02 23.28
N PRO B 266 -4.85 -2.98 22.34
CA PRO B 266 -5.59 -1.74 22.05
C PRO B 266 -6.35 -1.13 23.24
N ASN B 267 -6.21 0.18 23.36
CA ASN B 267 -7.04 0.99 24.24
C ASN B 267 -8.43 1.18 23.61
N LEU B 268 -9.48 0.67 24.27
CA LEU B 268 -10.81 0.71 23.70
C LEU B 268 -11.30 2.16 23.48
N GLU B 269 -10.71 3.10 24.21
CA GLU B 269 -11.07 4.51 24.04
C GLU B 269 -10.55 5.08 22.73
N ASP B 270 -9.37 4.62 22.31
CA ASP B 270 -8.85 5.01 21.01
C ASP B 270 -9.73 4.46 19.87
N LEU B 271 -10.15 3.20 19.99
CA LEU B 271 -10.95 2.58 18.93
C LEU B 271 -12.34 3.20 18.84
N TYR B 272 -12.93 3.52 19.99
CA TYR B 272 -14.25 4.16 20.00
C TYR B 272 -14.15 5.53 19.30
N GLU B 273 -13.11 6.26 19.64
CA GLU B 273 -12.86 7.57 19.04
C GLU B 273 -12.71 7.50 17.52
N ALA B 274 -12.17 6.38 17.01
CA ALA B 274 -11.93 6.22 15.57
C ALA B 274 -13.06 5.48 14.85
N ASN B 275 -14.18 5.27 15.54
CA ASN B 275 -15.34 4.59 14.98
C ASN B 275 -15.11 3.15 14.53
N VAL B 276 -14.30 2.43 15.31
CA VAL B 276 -14.02 1.01 15.06
C VAL B 276 -14.87 0.16 16.02
N PRO B 277 -15.75 -0.69 15.49
CA PRO B 277 -16.56 -1.56 16.35
C PRO B 277 -15.71 -2.68 16.94
N VAL B 278 -16.04 -3.07 18.16
CA VAL B 278 -15.33 -4.16 18.83
C VAL B 278 -16.37 -5.18 19.31
N TYR B 279 -16.30 -6.39 18.77
CA TYR B 279 -17.09 -7.50 19.27
C TYR B 279 -16.41 -8.09 20.50
N ARG B 280 -17.10 -8.16 21.63
CA ARG B 280 -16.50 -8.82 22.79
C ARG B 280 -17.45 -9.83 23.44
N PHE B 281 -16.87 -10.94 23.89
CA PHE B 281 -17.67 -12.04 24.43
C PHE B 281 -16.84 -12.92 25.37
N ILE B 282 -17.53 -13.78 26.10
CA ILE B 282 -16.90 -14.75 27.00
C ILE B 282 -16.97 -16.12 26.36
N GLN B 283 -15.82 -16.79 26.30
CA GLN B 283 -15.73 -18.16 25.81
C GLN B 283 -15.65 -19.09 27.02
N ARG B 284 -16.68 -19.91 27.21
CA ARG B 284 -16.76 -20.81 28.35
C ARG B 284 -16.19 -22.19 28.00
N PRO B 285 -15.92 -23.04 29.02
CA PRO B 285 -15.38 -24.36 28.70
C PRO B 285 -16.31 -25.13 27.78
N GLY B 286 -15.74 -25.73 26.75
CA GLY B 286 -16.52 -26.42 25.74
C GLY B 286 -16.99 -25.55 24.57
N ASP B 287 -16.92 -24.22 24.69
CA ASP B 287 -17.27 -23.37 23.55
C ASP B 287 -16.17 -23.33 22.49
N LEU B 288 -16.56 -23.43 21.21
CA LEU B 288 -15.63 -23.31 20.09
C LEU B 288 -15.70 -21.91 19.46
N VAL B 289 -14.55 -21.24 19.35
CA VAL B 289 -14.48 -19.98 18.63
C VAL B 289 -13.92 -20.17 17.20
N TRP B 290 -14.68 -19.71 16.21
CA TRP B 290 -14.22 -19.67 14.83
C TRP B 290 -13.85 -18.23 14.45
N ILE B 291 -12.56 -17.97 14.26
CA ILE B 291 -12.07 -16.68 13.75
C ILE B 291 -12.05 -16.67 12.22
N ASN B 292 -12.87 -15.82 11.63
CA ASN B 292 -12.95 -15.80 10.17
C ASN B 292 -11.71 -15.14 9.55
N ALA B 293 -11.60 -15.23 8.23
CA ALA B 293 -10.35 -14.84 7.54
C ALA B 293 -9.96 -13.36 7.74
N GLY B 294 -8.76 -13.11 8.25
CA GLY B 294 -8.29 -11.74 8.41
C GLY B 294 -8.87 -10.94 9.57
N THR B 295 -9.73 -11.58 10.35
CA THR B 295 -10.31 -10.94 11.53
C THR B 295 -9.20 -10.64 12.56
N VAL B 296 -9.16 -9.40 13.04
CA VAL B 296 -8.17 -8.95 14.05
C VAL B 296 -8.68 -9.22 15.49
N HIS B 297 -7.83 -9.78 16.37
CA HIS B 297 -8.30 -10.20 17.70
C HIS B 297 -7.19 -10.23 18.77
N TRP B 298 -7.63 -10.11 20.02
CA TRP B 298 -6.76 -10.24 21.19
C TRP B 298 -7.59 -10.91 22.31
N VAL B 299 -6.93 -11.62 23.22
CA VAL B 299 -7.61 -12.54 24.17
C VAL B 299 -6.97 -12.45 25.55
N GLN B 300 -7.77 -12.60 26.62
CA GLN B 300 -7.22 -12.81 27.96
C GLN B 300 -7.95 -13.90 28.74
N ALA B 301 -7.21 -14.64 29.57
CA ALA B 301 -7.80 -15.57 30.53
C ALA B 301 -8.48 -14.83 31.66
N VAL B 302 -9.73 -15.21 31.94
CA VAL B 302 -10.47 -14.70 33.10
C VAL B 302 -10.16 -15.56 34.34
N GLY B 303 -10.17 -16.87 34.16
CA GLY B 303 -9.80 -17.79 35.23
C GLY B 303 -8.60 -18.66 34.86
N TRP B 304 -8.47 -19.79 35.54
CA TRP B 304 -7.47 -20.80 35.23
C TRP B 304 -8.04 -21.76 34.19
N CYS B 305 -7.34 -21.93 33.06
CA CYS B 305 -7.81 -22.83 31.99
C CYS B 305 -6.70 -23.22 30.99
N ASN B 306 -6.96 -24.24 30.16
CA ASN B 306 -6.14 -24.50 28.99
C ASN B 306 -6.98 -24.28 27.72
N ASN B 307 -6.33 -23.97 26.61
CA ASN B 307 -7.00 -23.89 25.28
C ASN B 307 -6.22 -24.70 24.23
N ILE B 308 -6.91 -25.15 23.17
CA ILE B 308 -6.26 -25.73 22.00
C ILE B 308 -6.70 -24.97 20.74
N ALA B 309 -5.82 -24.90 19.74
CA ALA B 309 -6.13 -24.15 18.51
C ALA B 309 -5.33 -24.61 17.29
N TRP B 310 -5.83 -24.29 16.10
CA TRP B 310 -5.17 -24.60 14.83
C TRP B 310 -5.79 -23.72 13.72
N ASN B 311 -5.27 -23.82 12.49
CA ASN B 311 -5.84 -23.01 11.41
C ASN B 311 -6.60 -23.88 10.45
N VAL B 312 -7.53 -23.27 9.73
CA VAL B 312 -8.30 -23.89 8.65
C VAL B 312 -8.45 -22.96 7.42
N GLY B 313 -8.41 -23.51 6.21
CA GLY B 313 -8.62 -22.69 5.03
C GLY B 313 -9.78 -23.13 4.13
N PRO B 314 -10.99 -22.59 4.32
CA PRO B 314 -12.15 -23.01 3.51
C PRO B 314 -11.93 -22.75 2.01
N LEU B 315 -12.59 -23.51 1.15
CA LEU B 315 -12.48 -23.27 -0.28
C LEU B 315 -13.40 -22.16 -0.76
N THR B 316 -13.10 -20.91 -0.42
CA THR B 316 -13.92 -19.77 -0.84
C THR B 316 -13.05 -18.69 -1.49
N ALA B 317 -13.69 -17.86 -2.33
CA ALA B 317 -13.01 -16.75 -2.97
C ALA B 317 -12.46 -15.78 -1.93
N CYS B 318 -13.26 -15.53 -0.90
CA CYS B 318 -12.83 -14.66 0.20
C CYS B 318 -11.52 -15.12 0.89
N GLN B 319 -11.45 -16.41 1.23
CA GLN B 319 -10.26 -16.93 1.91
C GLN B 319 -9.02 -16.90 0.98
N TYR B 320 -9.15 -17.32 -0.28
CA TYR B 320 -8.01 -17.27 -1.18
C TYR B 320 -7.52 -15.81 -1.41
N LYS B 321 -8.47 -14.89 -1.60
CA LYS B 321 -8.15 -13.48 -1.87
C LYS B 321 -7.34 -12.93 -0.72
N LEU B 322 -7.87 -13.12 0.48
CA LEU B 322 -7.21 -12.53 1.68
C LEU B 322 -5.84 -13.17 1.97
N ALA B 323 -5.69 -14.45 1.66
CA ALA B 323 -4.40 -15.10 1.83
C ALA B 323 -3.36 -14.60 0.81
N VAL B 324 -3.75 -14.47 -0.47
CA VAL B 324 -2.83 -13.88 -1.43
C VAL B 324 -2.45 -12.44 -1.09
N GLU B 325 -3.43 -11.64 -0.65
CA GLU B 325 -3.14 -10.25 -0.31
C GLU B 325 -2.13 -10.13 0.84
N ARG B 326 -2.29 -10.92 1.90
CA ARG B 326 -1.32 -10.90 3.01
C ARG B 326 0.02 -11.47 2.57
N TYR B 327 0.00 -12.46 1.68
CA TYR B 327 1.26 -12.99 1.11
C TYR B 327 2.05 -11.88 0.40
N GLU B 328 1.35 -10.99 -0.30
CA GLU B 328 2.05 -9.91 -1.01
C GLU B 328 2.46 -8.79 -0.05
N TRP B 329 1.62 -8.54 0.94
CA TRP B 329 1.93 -7.51 1.94
C TRP B 329 3.16 -7.91 2.76
N ASN B 330 3.28 -9.20 3.06
CA ASN B 330 4.46 -9.69 3.81
C ASN B 330 5.77 -9.41 3.08
N LYS B 331 5.76 -9.58 1.76
CA LYS B 331 6.94 -9.24 0.94
C LYS B 331 7.39 -7.80 1.17
N LEU B 332 6.45 -6.85 1.10
CA LEU B 332 6.72 -5.43 1.26
C LEU B 332 7.28 -5.06 2.63
N LYS B 333 6.90 -5.81 3.65
CA LYS B 333 7.31 -5.55 5.03
C LYS B 333 8.47 -6.43 5.50
N SER B 334 9.06 -7.19 4.57
CA SER B 334 10.19 -8.09 4.83
C SER B 334 9.90 -9.11 5.91
N VAL B 335 8.73 -9.75 5.83
CA VAL B 335 8.34 -10.81 6.74
C VAL B 335 8.05 -12.10 5.97
N LYS B 336 8.55 -13.23 6.47
CA LYS B 336 8.30 -14.51 5.79
C LYS B 336 6.82 -14.94 5.88
N SER B 337 6.28 -15.49 4.80
CA SER B 337 4.94 -16.12 4.82
C SER B 337 5.09 -17.59 5.21
N PRO B 338 4.42 -18.02 6.28
CA PRO B 338 4.51 -19.46 6.58
C PRO B 338 3.75 -20.30 5.56
N VAL B 339 2.78 -19.74 4.85
CA VAL B 339 2.08 -20.52 3.81
C VAL B 339 2.63 -20.20 2.40
N PRO B 340 3.15 -21.22 1.69
CA PRO B 340 3.74 -20.94 0.36
C PRO B 340 2.69 -20.92 -0.74
N MET B 341 2.14 -19.73 -1.00
CA MET B 341 0.97 -19.62 -1.85
C MET B 341 1.22 -20.00 -3.32
N VAL B 342 2.46 -19.96 -3.79
CA VAL B 342 2.73 -20.43 -5.17
C VAL B 342 2.63 -21.98 -5.23
N HIS B 343 3.40 -22.64 -4.37
CA HIS B 343 3.35 -24.09 -4.22
C HIS B 343 1.91 -24.57 -4.01
N LEU B 344 1.20 -23.94 -3.07
CA LEU B 344 -0.18 -24.31 -2.78
C LEU B 344 -1.08 -24.11 -4.00
N SER B 345 -0.91 -22.99 -4.73
CA SER B 345 -1.77 -22.73 -5.90
C SER B 345 -1.64 -23.81 -6.99
N TRP B 346 -0.44 -24.36 -7.17
CA TRP B 346 -0.26 -25.43 -8.18
C TRP B 346 -0.95 -26.73 -7.71
N ASN B 347 -0.81 -27.04 -6.42
CA ASN B 347 -1.49 -28.19 -5.83
C ASN B 347 -3.01 -28.10 -5.97
N MET B 348 -3.55 -26.89 -5.78
CA MET B 348 -4.98 -26.67 -5.97
C MET B 348 -5.38 -27.01 -7.40
N ALA B 349 -4.58 -26.56 -8.36
CA ALA B 349 -4.87 -26.78 -9.78
C ALA B 349 -4.85 -28.27 -10.14
N ARG B 350 -4.00 -29.05 -9.49
CA ARG B 350 -3.95 -30.48 -9.76
C ARG B 350 -5.07 -31.26 -9.08
N ASN B 351 -5.40 -30.89 -7.84
CA ASN B 351 -6.22 -31.78 -7.02
C ASN B 351 -7.61 -31.29 -6.64
N ILE B 352 -8.00 -30.10 -7.09
CA ILE B 352 -9.30 -29.56 -6.71
C ILE B 352 -10.11 -29.15 -7.94
N LYS B 353 -11.39 -29.53 -7.97
CA LYS B 353 -12.28 -29.05 -9.02
C LYS B 353 -13.10 -27.88 -8.53
N VAL B 354 -12.85 -26.70 -9.09
CA VAL B 354 -13.48 -25.46 -8.64
C VAL B 354 -14.79 -25.16 -9.38
N SER B 355 -15.81 -24.68 -8.66
CA SER B 355 -17.10 -24.37 -9.26
C SER B 355 -17.53 -22.90 -9.12
N ASP B 356 -17.00 -22.19 -8.13
CA ASP B 356 -17.28 -20.77 -8.03
C ASP B 356 -16.47 -19.98 -9.05
N PRO B 357 -17.13 -19.22 -9.92
CA PRO B 357 -16.47 -18.42 -10.97
C PRO B 357 -15.43 -17.44 -10.42
N LYS B 358 -15.71 -16.78 -9.29
CA LYS B 358 -14.79 -15.78 -8.74
C LYS B 358 -13.51 -16.45 -8.23
N LEU B 359 -13.65 -17.50 -7.44
CA LEU B 359 -12.50 -18.27 -6.97
C LEU B 359 -11.68 -18.80 -8.15
N PHE B 360 -12.36 -19.40 -9.13
CA PHE B 360 -11.65 -19.94 -10.29
C PHE B 360 -10.82 -18.88 -11.01
N GLU B 361 -11.41 -17.71 -11.23
CA GLU B 361 -10.71 -16.62 -11.92
C GLU B 361 -9.47 -16.13 -11.17
N MET B 362 -9.57 -16.05 -9.84
CA MET B 362 -8.43 -15.64 -9.01
C MET B 362 -7.26 -16.62 -9.12
N ILE B 363 -7.55 -17.91 -8.99
CA ILE B 363 -6.50 -18.94 -9.08
C ILE B 363 -5.88 -18.96 -10.48
N LYS B 364 -6.73 -18.92 -11.50
CA LYS B 364 -6.26 -18.95 -12.89
C LYS B 364 -5.30 -17.79 -13.17
N TYR B 365 -5.70 -16.61 -12.72
CA TYR B 365 -4.92 -15.40 -12.92
C TYR B 365 -3.56 -15.51 -12.21
N CYS B 366 -3.56 -16.05 -10.99
N CYS B 366 -3.58 -16.05 -10.99
CA CYS B 366 -2.29 -16.22 -10.25
CA CYS B 366 -2.36 -16.28 -10.24
C CYS B 366 -1.35 -17.20 -10.98
C CYS B 366 -1.38 -17.18 -10.99
N LEU B 367 -1.89 -18.30 -11.49
CA LEU B 367 -1.05 -19.25 -12.21
C LEU B 367 -0.50 -18.61 -13.49
N LEU B 368 -1.31 -17.75 -14.10
CA LEU B 368 -0.88 -17.05 -15.30
C LEU B 368 0.30 -16.10 -15.00
N LYS B 369 0.22 -15.39 -13.89
CA LYS B 369 1.30 -14.47 -13.54
C LYS B 369 2.59 -15.22 -13.20
N ILE B 370 2.44 -16.38 -12.53
CA ILE B 370 3.59 -17.23 -12.20
C ILE B 370 4.30 -17.69 -13.48
N LEU B 371 3.53 -18.14 -14.47
CA LEU B 371 4.07 -18.54 -15.77
C LEU B 371 4.72 -17.38 -16.53
N LYS B 372 4.13 -16.18 -16.44
CA LYS B 372 4.65 -15.02 -17.16
C LYS B 372 6.00 -14.57 -16.58
N GLN B 373 6.09 -14.49 -15.26
CA GLN B 373 7.35 -14.11 -14.62
C GLN B 373 8.41 -15.15 -14.93
N TYR B 374 8.03 -16.42 -14.85
CA TYR B 374 8.93 -17.52 -15.11
C TYR B 374 9.51 -17.47 -16.52
N GLN B 375 8.64 -17.23 -17.50
CA GLN B 375 9.06 -17.13 -18.90
C GLN B 375 9.98 -15.93 -19.13
N THR B 376 9.64 -14.80 -18.53
CA THR B 376 10.44 -13.58 -18.67
C THR B 376 11.88 -13.81 -18.18
N LEU B 377 12.02 -14.37 -16.98
CA LEU B 377 13.35 -14.62 -16.38
C LEU B 377 14.18 -15.65 -17.16
N ARG B 378 13.59 -16.81 -17.43
CA ARG B 378 14.29 -17.88 -18.15
C ARG B 378 14.81 -17.43 -19.52
N GLU B 379 13.96 -16.72 -20.27
CA GLU B 379 14.39 -16.24 -21.59
C GLU B 379 15.57 -15.26 -21.50
N ALA B 380 15.52 -14.37 -20.50
CA ALA B 380 16.61 -13.41 -20.30
C ALA B 380 17.90 -14.15 -19.93
N LEU B 381 17.78 -15.22 -19.16
CA LEU B 381 18.95 -16.01 -18.79
C LEU B 381 19.58 -16.66 -20.03
N VAL B 382 18.75 -17.32 -20.82
CA VAL B 382 19.19 -17.96 -22.05
C VAL B 382 19.86 -16.98 -23.02
N ALA B 383 19.27 -15.79 -23.17
CA ALA B 383 19.78 -14.74 -24.05
C ALA B 383 21.14 -14.21 -23.62
N ALA B 384 21.42 -14.24 -22.33
CA ALA B 384 22.71 -13.77 -21.84
C ALA B 384 23.74 -14.90 -21.89
N GLY B 385 23.29 -16.11 -22.19
CA GLY B 385 24.17 -17.25 -22.32
C GLY B 385 24.38 -18.04 -21.04
N LYS B 386 23.51 -17.87 -20.06
CA LYS B 386 23.58 -18.67 -18.86
C LYS B 386 22.88 -20.02 -19.04
N GLU B 387 23.58 -21.09 -18.69
CA GLU B 387 23.02 -22.45 -18.72
C GLU B 387 21.86 -22.62 -17.75
N VAL B 388 20.84 -23.37 -18.16
CA VAL B 388 19.78 -23.82 -17.25
C VAL B 388 19.87 -25.34 -17.07
N ILE B 389 20.16 -25.78 -15.86
CA ILE B 389 20.44 -27.18 -15.60
C ILE B 389 19.22 -27.92 -15.07
N TRP B 390 18.83 -28.98 -15.76
CA TRP B 390 17.71 -29.79 -15.29
C TRP B 390 18.05 -30.45 -13.95
N HIS B 391 17.18 -30.27 -12.96
CA HIS B 391 17.43 -30.75 -11.60
C HIS B 391 16.34 -31.72 -11.17
N GLY B 392 15.11 -31.43 -11.58
CA GLY B 392 13.96 -32.25 -11.20
C GLY B 392 13.55 -32.08 -9.75
N ARG B 393 12.76 -33.04 -9.26
CA ARG B 393 12.13 -32.94 -7.95
C ARG B 393 11.90 -34.32 -7.32
N THR B 394 12.11 -34.43 -6.02
CA THR B 394 11.95 -35.71 -5.32
C THR B 394 10.49 -36.04 -5.07
N ASN B 395 10.25 -37.13 -4.33
CA ASN B 395 8.91 -37.56 -4.00
C ASN B 395 8.23 -36.56 -3.06
N ASP B 396 7.48 -35.63 -3.66
CA ASP B 396 6.70 -34.63 -2.92
C ASP B 396 7.52 -33.90 -1.87
N GLU B 397 8.59 -33.23 -2.29
CA GLU B 397 9.38 -32.42 -1.38
C GLU B 397 8.65 -31.08 -1.15
N PRO B 398 8.86 -30.45 0.01
CA PRO B 398 8.14 -29.21 0.34
C PRO B 398 8.51 -28.01 -0.56
N ALA B 399 7.94 -26.84 -0.23
CA ALA B 399 8.23 -25.62 -0.95
C ALA B 399 9.61 -25.09 -0.57
N HIS B 400 10.17 -24.17 -1.36
CA HIS B 400 11.47 -23.59 -1.03
C HIS B 400 11.42 -22.09 -0.74
N TYR B 401 12.26 -21.64 0.19
CA TYR B 401 12.39 -20.22 0.51
C TYR B 401 13.85 -19.76 0.33
N CYS B 402 14.06 -18.49 -0.01
CA CYS B 402 15.41 -17.93 -0.18
C CYS B 402 16.16 -17.94 1.15
N SER B 403 17.38 -18.48 1.17
CA SER B 403 18.14 -18.57 2.41
C SER B 403 18.61 -17.21 2.93
N ILE B 404 18.54 -16.18 2.10
CA ILE B 404 18.91 -14.84 2.55
C ILE B 404 17.68 -14.01 2.96
N CYS B 405 16.76 -13.78 2.03
CA CYS B 405 15.62 -12.88 2.27
C CYS B 405 14.29 -13.59 2.61
N GLU B 406 14.26 -14.92 2.50
CA GLU B 406 13.14 -15.78 2.91
C GLU B 406 11.85 -15.63 2.07
N VAL B 407 11.96 -15.05 0.88
CA VAL B 407 10.84 -15.06 -0.07
C VAL B 407 10.65 -16.47 -0.62
N GLU B 408 9.45 -16.82 -1.05
CA GLU B 408 9.26 -18.15 -1.65
C GLU B 408 9.99 -18.16 -3.01
N VAL B 409 10.60 -19.30 -3.33
CA VAL B 409 11.24 -19.48 -4.63
C VAL B 409 10.65 -20.69 -5.34
N PHE B 410 10.23 -20.50 -6.60
CA PHE B 410 9.57 -21.58 -7.32
C PHE B 410 10.26 -21.91 -8.65
N ASN B 411 10.54 -23.21 -8.81
CA ASN B 411 11.04 -23.82 -10.05
C ASN B 411 12.50 -23.46 -10.37
N LEU B 412 12.76 -22.24 -10.82
CA LEU B 412 14.14 -21.80 -11.05
C LEU B 412 14.83 -21.46 -9.73
N LEU B 413 15.77 -22.30 -9.32
CA LEU B 413 16.52 -22.11 -8.06
C LEU B 413 17.97 -21.63 -8.32
N PHE B 414 18.47 -20.74 -7.48
CA PHE B 414 19.84 -20.24 -7.64
C PHE B 414 20.71 -20.79 -6.50
N VAL B 415 21.72 -21.57 -6.88
CA VAL B 415 22.56 -22.31 -5.97
C VAL B 415 24.06 -22.06 -6.26
N THR B 416 24.90 -21.87 -5.24
CA THR B 416 26.32 -21.60 -5.53
C THR B 416 27.00 -22.81 -6.17
N ASN B 417 28.02 -22.55 -6.98
CA ASN B 417 28.83 -23.62 -7.57
C ASN B 417 29.25 -24.64 -6.51
N GLU B 418 29.61 -24.13 -5.34
CA GLU B 418 30.10 -24.98 -4.26
C GLU B 418 28.99 -25.81 -3.61
N SER B 419 27.84 -25.19 -3.34
CA SER B 419 26.72 -25.91 -2.77
C SER B 419 26.21 -26.97 -3.75
N ASN B 420 26.31 -26.68 -5.04
CA ASN B 420 25.94 -27.64 -6.06
C ASN B 420 26.86 -28.87 -6.02
N THR B 421 28.17 -28.61 -5.99
CA THR B 421 29.18 -29.66 -5.94
C THR B 421 28.99 -30.52 -4.68
N GLN B 422 28.79 -29.87 -3.55
CA GLN B 422 28.60 -30.59 -2.29
C GLN B 422 27.19 -31.18 -2.16
N LYS B 423 26.39 -31.00 -3.21
CA LYS B 423 25.00 -31.47 -3.26
C LYS B 423 24.16 -31.08 -2.03
N THR B 424 24.39 -29.89 -1.49
CA THR B 424 23.56 -29.35 -0.40
C THR B 424 22.40 -28.52 -0.95
N TYR B 425 22.59 -28.00 -2.18
CA TYR B 425 21.54 -27.28 -2.91
C TYR B 425 20.83 -26.18 -2.08
N ILE B 426 21.58 -25.20 -1.63
CA ILE B 426 21.03 -24.16 -0.76
C ILE B 426 20.43 -23.03 -1.59
N VAL B 427 19.09 -22.91 -1.54
CA VAL B 427 18.33 -22.05 -2.46
C VAL B 427 18.53 -20.54 -2.20
N HIS B 428 18.80 -19.81 -3.28
CA HIS B 428 18.70 -18.35 -3.30
C HIS B 428 17.64 -17.96 -4.34
N CYS B 429 17.00 -16.80 -4.17
CA CYS B 429 16.22 -16.20 -5.27
C CYS B 429 17.17 -15.46 -6.22
N HIS B 430 16.70 -15.13 -7.43
CA HIS B 430 17.50 -14.42 -8.44
C HIS B 430 18.16 -13.16 -7.91
N ASP B 431 17.38 -12.31 -7.24
CA ASP B 431 17.86 -11.01 -6.78
C ASP B 431 18.97 -11.11 -5.74
N CYS B 432 18.82 -12.03 -4.79
CA CYS B 432 19.85 -12.18 -3.74
C CYS B 432 21.14 -12.76 -4.32
N ALA B 433 21.02 -13.66 -5.29
CA ALA B 433 22.20 -14.18 -5.97
C ALA B 433 22.95 -13.08 -6.73
N ARG B 434 22.18 -12.21 -7.39
CA ARG B 434 22.71 -11.08 -8.16
C ARG B 434 23.47 -10.06 -7.31
N LYS B 435 22.94 -9.72 -6.14
CA LYS B 435 23.65 -8.84 -5.21
C LYS B 435 24.97 -9.45 -4.71
N THR B 436 25.03 -10.78 -4.65
CA THR B 436 26.23 -11.48 -4.14
C THR B 436 27.28 -11.70 -5.24
N SER B 437 26.79 -11.99 -6.44
CA SER B 437 27.63 -12.37 -7.57
C SER B 437 27.07 -11.65 -8.80
N LYS B 438 27.71 -10.56 -9.21
CA LYS B 438 27.05 -9.58 -10.11
C LYS B 438 26.61 -10.14 -11.46
N SER B 439 27.35 -11.09 -12.00
CA SER B 439 26.97 -11.71 -13.27
C SER B 439 26.60 -13.18 -13.08
N LEU B 440 26.25 -13.54 -11.84
CA LEU B 440 25.91 -14.91 -11.47
C LEU B 440 27.04 -15.91 -11.72
N GLU B 441 28.28 -15.44 -11.81
CA GLU B 441 29.38 -16.36 -12.11
C GLU B 441 29.63 -17.37 -10.99
N ASN B 442 29.15 -17.08 -9.78
CA ASN B 442 29.33 -18.01 -8.67
C ASN B 442 28.15 -18.97 -8.46
N PHE B 443 27.16 -18.91 -9.34
CA PHE B 443 25.92 -19.65 -9.15
C PHE B 443 25.62 -20.53 -10.37
N VAL B 444 24.89 -21.62 -10.15
CA VAL B 444 24.25 -22.35 -11.23
C VAL B 444 22.74 -22.15 -11.14
N VAL B 445 22.01 -22.26 -12.27
CA VAL B 445 20.55 -22.15 -12.19
C VAL B 445 19.91 -23.54 -12.42
N LEU B 446 19.15 -23.99 -11.43
CA LEU B 446 18.50 -25.30 -11.47
C LEU B 446 17.01 -25.18 -11.81
N GLU B 447 16.51 -26.10 -12.64
CA GLU B 447 15.09 -26.19 -13.03
C GLU B 447 14.45 -27.45 -12.45
N GLN B 448 13.25 -27.33 -11.88
CA GLN B 448 12.60 -28.47 -11.23
C GLN B 448 11.40 -29.01 -12.01
N TYR B 449 10.87 -28.19 -12.92
CA TYR B 449 9.70 -28.54 -13.70
C TYR B 449 9.94 -28.10 -15.13
N LYS B 450 9.45 -28.86 -16.11
CA LYS B 450 9.54 -28.43 -17.50
C LYS B 450 8.39 -27.49 -17.82
N MET B 451 8.65 -26.47 -18.64
CA MET B 451 7.60 -25.51 -19.00
C MET B 451 6.39 -26.20 -19.61
N GLU B 452 6.63 -27.29 -20.34
CA GLU B 452 5.54 -28.05 -20.96
C GLU B 452 4.56 -28.61 -19.93
N ASP B 453 5.10 -29.18 -18.85
CA ASP B 453 4.27 -29.79 -17.80
C ASP B 453 3.39 -28.76 -17.08
N LEU B 454 3.97 -27.60 -16.75
CA LEU B 454 3.23 -26.55 -16.08
C LEU B 454 2.14 -26.02 -17.00
N ILE B 455 2.47 -25.81 -18.27
CA ILE B 455 1.48 -25.33 -19.22
C ILE B 455 0.38 -26.39 -19.38
N GLN B 456 0.74 -27.67 -19.25
CA GLN B 456 -0.24 -28.74 -19.25
C GLN B 456 -1.20 -28.62 -18.05
N VAL B 457 -0.64 -28.57 -16.84
CA VAL B 457 -1.45 -28.43 -15.62
C VAL B 457 -2.38 -27.22 -15.72
N TYR B 458 -1.86 -26.13 -16.26
CA TYR B 458 -2.62 -24.89 -16.41
C TYR B 458 -3.80 -25.05 -17.37
N ASP B 459 -3.55 -25.64 -18.53
CA ASP B 459 -4.60 -25.83 -19.54
C ASP B 459 -5.67 -26.82 -19.09
N GLN B 460 -5.29 -27.77 -18.24
CA GLN B 460 -6.25 -28.75 -17.73
C GLN B 460 -7.05 -28.22 -16.54
N PHE B 461 -6.72 -27.02 -16.07
CA PHE B 461 -7.43 -26.41 -14.95
C PHE B 461 -8.63 -25.60 -15.46
N THR B 462 -9.83 -26.15 -15.27
CA THR B 462 -11.02 -25.60 -15.93
C THR B 462 -12.19 -25.42 -14.95
N LEU B 463 -13.11 -24.53 -15.31
CA LEU B 463 -14.24 -24.19 -14.45
C LEU B 463 -15.36 -25.21 -14.60
N ALA B 464 -15.68 -25.87 -13.51
CA ALA B 464 -16.74 -26.88 -13.50
C ALA B 464 -18.12 -26.26 -13.52
N LEU B 465 -19.05 -26.87 -14.25
CA LEU B 465 -20.47 -26.57 -14.13
C LEU B 465 -21.06 -27.25 -12.91
N SER B 466 -21.30 -26.48 -11.86
CA SER B 466 -22.02 -26.96 -10.68
C SER B 466 -23.19 -26.03 -10.34
N LEU B 467 -24.29 -26.61 -9.88
CA LEU B 467 -25.46 -25.85 -9.47
C LEU B 467 -25.44 -25.56 -7.98
N SER B 468 -24.52 -26.19 -7.25
CA SER B 468 -24.59 -26.14 -5.79
C SER B 468 -24.07 -24.83 -5.22
N SER B 469 -24.30 -24.68 -3.92
CA SER B 469 -23.94 -23.49 -3.19
C SER B 469 -22.52 -23.54 -2.65
N SER B 470 -21.78 -24.60 -2.98
CA SER B 470 -20.36 -24.66 -2.62
C SER B 470 -19.50 -24.06 -3.74
N SER B 471 -18.36 -23.50 -3.35
CA SER B 471 -17.46 -22.78 -4.25
C SER B 471 -16.50 -23.70 -5.03
N ALA B 472 -16.10 -24.79 -4.39
CA ALA B 472 -15.16 -25.73 -4.99
C ALA B 472 -15.29 -27.09 -4.30
N GLU B 473 -14.73 -28.13 -4.92
CA GLU B 473 -14.76 -29.48 -4.36
C GLU B 473 -13.41 -30.19 -4.54
N ASN B 474 -12.93 -30.84 -3.48
CA ASN B 474 -11.74 -31.68 -3.58
C ASN B 474 -11.95 -32.83 -4.58
N LEU B 475 -11.01 -33.01 -5.50
CA LEU B 475 -11.07 -34.12 -6.45
C LEU B 475 -9.83 -34.99 -6.37
#